data_4HFN
#
_entry.id   4HFN
#
_cell.length_a   88.860
_cell.length_b   149.860
_cell.length_c   67.210
_cell.angle_alpha   90.00
_cell.angle_beta   115.96
_cell.angle_gamma   90.00
#
_symmetry.space_group_name_H-M   'C 1 2 1'
#
loop_
_entity.id
_entity.type
_entity.pdbx_description
1 polymer 'Allyl alcohol dehydrogenase'
2 non-polymer 'NADP NICOTINAMIDE-ADENINE-DINUCLEOTIDE PHOSPHATE'
3 non-polymer (2E)-3-(4-hydroxy-3-methoxyphenyl)prop-2-enal
4 water water
#
_entity_poly.entity_id   1
_entity_poly.type   'polypeptide(L)'
_entity_poly.pdbx_seq_one_letter_code
;MAEEVSNKQVILKNYVTGYPKESDMEIKNVTIKLKVPEGSNDVVVKNLYLSCDPYMRSRMRKIEGSYVESFAPGSPITGY
GVAKVLESGDPKFQKGDLVWGMTGWEEYSIITPTQTLFKIHDKDVPLSYYTGILGMPGMTAYAGFHEVCSPKKGETVFVS
AASGAVGQLVGQFAKMLGCYVVGSAGSKEKVDLLKSKFGFDEAFNYKEEQDLSAALKRYFPDGIDIYFENVGGKMLDAVL
VNMKLYGRIAVCGMISQYNLEQTEGVHNLFCLITKRIRMEGFLVFDYYHLYPKYLEMVIPQIKAGKVVYVEDVAHGLESA
PTALVGLFSGRNIGKQVVMVSRELEHHHHHH
;
_entity_poly.pdbx_strand_id   A,B
#
# COMPACT_ATOMS: atom_id res chain seq x y z
N ALA A 2 1.31 -54.41 8.63
CA ALA A 2 0.53 -53.18 8.41
C ALA A 2 -0.56 -53.40 7.34
N GLU A 3 -1.59 -52.58 7.42
CA GLU A 3 -2.70 -52.65 6.47
C GLU A 3 -2.26 -52.14 5.08
N GLU A 4 -2.59 -52.88 4.03
CA GLU A 4 -2.38 -52.41 2.64
C GLU A 4 -3.64 -52.28 1.81
N VAL A 5 -3.81 -51.06 1.28
CA VAL A 5 -5.02 -50.61 0.54
C VAL A 5 -4.66 -49.82 -0.71
N SER A 6 -5.52 -49.83 -1.73
CA SER A 6 -5.22 -49.03 -2.91
C SER A 6 -5.47 -47.58 -2.51
N ASN A 7 -4.74 -46.69 -3.15
CA ASN A 7 -4.74 -45.29 -2.77
C ASN A 7 -4.84 -44.47 -4.05
N LYS A 8 -6.03 -43.91 -4.27
CA LYS A 8 -6.26 -43.03 -5.40
C LYS A 8 -5.60 -41.66 -5.10
N GLN A 9 -5.00 -41.04 -6.12
CA GLN A 9 -4.27 -39.78 -5.97
C GLN A 9 -4.54 -38.88 -7.15
N VAL A 10 -4.64 -37.57 -6.88
CA VAL A 10 -4.67 -36.61 -7.97
C VAL A 10 -3.26 -36.10 -8.20
N ILE A 11 -2.74 -36.40 -9.39
CA ILE A 11 -1.35 -36.06 -9.76
C ILE A 11 -1.33 -34.82 -10.61
N LEU A 12 -0.38 -33.92 -10.38
CA LEU A 12 -0.18 -32.83 -11.31
C LEU A 12 0.62 -33.36 -12.50
N LYS A 13 0.08 -33.21 -13.67
CA LYS A 13 0.68 -33.77 -14.90
C LYS A 13 1.87 -32.96 -15.42
N ASN A 14 1.71 -31.62 -15.46
CA ASN A 14 2.84 -30.74 -15.77
CA ASN A 14 2.72 -30.64 -15.93
C ASN A 14 2.62 -29.30 -15.21
N TYR A 15 3.66 -28.47 -15.29
CA TYR A 15 3.53 -27.04 -14.95
C TYR A 15 2.54 -26.41 -15.92
N VAL A 16 1.93 -25.34 -15.44
CA VAL A 16 0.82 -24.73 -16.13
C VAL A 16 1.22 -23.31 -16.61
N THR A 17 0.81 -22.99 -17.82
CA THR A 17 0.87 -21.63 -18.38
C THR A 17 -0.56 -21.15 -18.60
N GLY A 18 -0.82 -19.84 -18.39
CA GLY A 18 -2.18 -19.32 -18.58
C GLY A 18 -3.15 -20.01 -17.64
N TYR A 19 -4.36 -20.32 -18.11
CA TYR A 19 -5.35 -20.95 -17.24
C TYR A 19 -5.11 -22.44 -17.06
N PRO A 20 -5.25 -22.95 -15.82
CA PRO A 20 -5.20 -24.41 -15.66
C PRO A 20 -6.43 -25.08 -16.30
N LYS A 21 -6.25 -26.28 -16.84
CA LYS A 21 -7.40 -27.09 -17.23
C LYS A 21 -7.38 -28.46 -16.55
N GLU A 22 -8.48 -29.20 -16.67
CA GLU A 22 -8.62 -30.52 -16.07
C GLU A 22 -7.54 -31.48 -16.52
N SER A 23 -7.13 -31.40 -17.78
CA SER A 23 -6.18 -32.35 -18.32
C SER A 23 -4.74 -32.10 -17.84
N ASP A 24 -4.52 -31.02 -17.08
CA ASP A 24 -3.23 -30.74 -16.42
C ASP A 24 -3.05 -31.64 -15.18
N MET A 25 -4.10 -32.37 -14.82
CA MET A 25 -4.06 -33.32 -13.71
C MET A 25 -4.51 -34.73 -14.15
N GLU A 26 -4.16 -35.75 -13.38
CA GLU A 26 -4.72 -37.07 -13.62
C GLU A 26 -4.84 -37.84 -12.30
N ILE A 27 -5.58 -38.96 -12.39
CA ILE A 27 -5.88 -39.82 -11.29
C ILE A 27 -5.02 -41.08 -11.46
N LYS A 28 -4.23 -41.40 -10.43
CA LYS A 28 -3.35 -42.53 -10.40
C LYS A 28 -3.76 -43.39 -9.19
N ASN A 29 -3.59 -44.71 -9.31
CA ASN A 29 -3.87 -45.64 -8.20
C ASN A 29 -2.61 -46.31 -7.78
N VAL A 30 -2.24 -46.19 -6.51
CA VAL A 30 -1.06 -46.91 -6.04
C VAL A 30 -1.45 -47.70 -4.79
N THR A 31 -0.56 -48.58 -4.33
CA THR A 31 -0.78 -49.35 -3.11
C THR A 31 -0.08 -48.62 -1.95
N ILE A 32 -0.78 -48.37 -0.85
CA ILE A 32 -0.11 -47.76 0.31
C ILE A 32 -0.19 -48.71 1.50
N LYS A 33 0.91 -48.78 2.26
CA LYS A 33 1.01 -49.45 3.53
C LYS A 33 0.74 -48.42 4.63
N LEU A 34 -0.28 -48.66 5.43
CA LEU A 34 -0.67 -47.70 6.44
C LEU A 34 0.16 -47.91 7.71
N LYS A 35 1.40 -47.42 7.69
CA LYS A 35 2.29 -47.53 8.85
C LYS A 35 3.21 -46.33 8.97
N VAL A 36 3.55 -46.03 10.21
CA VAL A 36 4.43 -44.92 10.56
C VAL A 36 5.83 -45.36 10.19
N PRO A 37 6.49 -44.62 9.28
CA PRO A 37 7.89 -45.00 8.96
C PRO A 37 8.76 -45.11 10.25
N GLU A 38 9.61 -46.11 10.32
CA GLU A 38 10.43 -46.37 11.54
C GLU A 38 11.23 -45.16 12.03
N GLY A 39 11.22 -44.93 13.34
CA GLY A 39 11.87 -43.75 13.92
C GLY A 39 11.26 -42.37 13.66
N SER A 40 10.24 -42.26 12.79
CA SER A 40 9.59 -40.97 12.50
C SER A 40 8.51 -40.59 13.51
N ASN A 41 8.14 -39.33 13.49
CA ASN A 41 6.99 -38.86 14.24
CA ASN A 41 6.96 -38.91 14.24
C ASN A 41 5.79 -38.62 13.29
N ASP A 42 5.81 -39.29 12.14
CA ASP A 42 4.75 -39.19 11.13
C ASP A 42 3.39 -39.65 11.61
N VAL A 43 2.38 -39.13 10.93
CA VAL A 43 1.00 -39.40 11.23
C VAL A 43 0.36 -39.93 9.93
N VAL A 44 -0.30 -41.07 10.02
CA VAL A 44 -0.99 -41.69 8.87
C VAL A 44 -2.47 -41.33 8.94
N VAL A 45 -3.02 -40.82 7.85
CA VAL A 45 -4.40 -40.32 7.90
C VAL A 45 -5.23 -40.81 6.76
N LYS A 46 -6.54 -40.88 6.99
CA LYS A 46 -7.51 -41.07 5.94
C LYS A 46 -8.11 -39.65 5.68
N ASN A 47 -7.96 -39.17 4.44
CA ASN A 47 -8.48 -37.85 4.08
C ASN A 47 -9.98 -37.87 3.84
N LEU A 48 -10.65 -36.84 4.38
CA LEU A 48 -12.12 -36.76 4.31
C LEU A 48 -12.58 -35.61 3.42
N TYR A 49 -11.94 -34.43 3.54
CA TYR A 49 -12.35 -33.23 2.78
C TYR A 49 -11.10 -32.55 2.27
N LEU A 50 -11.10 -32.08 1.03
CA LEU A 50 -9.98 -31.27 0.54
C LEU A 50 -10.45 -29.88 0.19
N SER A 51 -9.65 -28.86 0.52
CA SER A 51 -10.05 -27.48 0.13
C SER A 51 -9.52 -27.19 -1.27
N CYS A 52 -10.33 -26.55 -2.12
CA CYS A 52 -9.75 -25.88 -3.31
C CYS A 52 -9.49 -24.40 -3.07
N ASP A 53 -8.24 -23.97 -3.15
CA ASP A 53 -7.88 -22.57 -2.80
C ASP A 53 -7.10 -21.95 -3.97
N PRO A 54 -7.40 -20.68 -4.27
CA PRO A 54 -6.77 -20.00 -5.41
C PRO A 54 -5.21 -19.96 -5.42
N TYR A 55 -4.57 -19.81 -4.26
CA TYR A 55 -3.09 -19.73 -4.13
C TYR A 55 -2.48 -21.00 -4.78
N MET A 56 -3.26 -22.09 -4.86
CA MET A 56 -2.82 -23.36 -5.49
C MET A 56 -2.37 -23.14 -6.96
N ARG A 57 -2.91 -22.11 -7.61
CA ARG A 57 -2.42 -21.82 -8.97
C ARG A 57 -0.91 -21.46 -8.98
N SER A 58 -0.49 -20.66 -8.01
CA SER A 58 0.91 -20.23 -7.93
C SER A 58 1.83 -21.44 -7.79
N ARG A 59 1.35 -22.53 -7.19
CA ARG A 59 2.19 -23.72 -7.03
C ARG A 59 2.34 -24.56 -8.32
N MET A 60 1.52 -24.23 -9.33
CA MET A 60 1.55 -24.95 -10.62
C MET A 60 2.56 -24.42 -11.63
N ARG A 61 3.40 -23.48 -11.21
CA ARG A 61 4.43 -22.95 -12.09
C ARG A 61 5.81 -23.11 -11.49
N GLU A 69 8.58 -24.83 -2.77
CA GLU A 69 7.29 -24.16 -2.72
C GLU A 69 6.30 -24.75 -3.72
N SER A 70 6.77 -25.18 -4.91
CA SER A 70 5.82 -25.53 -5.97
C SER A 70 5.52 -27.03 -6.08
N PHE A 71 4.40 -27.38 -6.70
CA PHE A 71 4.04 -28.79 -6.89
C PHE A 71 5.07 -29.46 -7.82
N ALA A 72 5.08 -30.78 -7.82
CA ALA A 72 6.02 -31.49 -8.70
C ALA A 72 5.23 -32.41 -9.63
N PRO A 73 5.43 -32.22 -10.94
CA PRO A 73 4.82 -33.09 -11.92
C PRO A 73 5.14 -34.52 -11.60
N GLY A 74 4.14 -35.37 -11.79
CA GLY A 74 4.25 -36.76 -11.41
C GLY A 74 3.95 -37.07 -9.94
N SER A 75 3.81 -36.04 -9.10
CA SER A 75 3.52 -36.26 -7.65
C SER A 75 2.15 -35.72 -7.25
N PRO A 76 1.56 -36.28 -6.16
CA PRO A 76 0.23 -35.79 -5.74
C PRO A 76 0.29 -34.31 -5.47
N ILE A 77 -0.77 -33.61 -5.84
CA ILE A 77 -1.03 -32.29 -5.37
C ILE A 77 -1.22 -32.36 -3.82
N THR A 78 -0.90 -31.26 -3.15
CA THR A 78 -1.08 -31.15 -1.69
C THR A 78 -1.83 -29.84 -1.42
N GLY A 79 -2.46 -29.76 -0.25
CA GLY A 79 -3.26 -28.56 0.09
C GLY A 79 -3.92 -28.80 1.44
N TYR A 80 -4.70 -27.82 1.90
CA TYR A 80 -5.44 -27.94 3.15
C TYR A 80 -6.56 -28.97 3.08
N GLY A 81 -6.62 -29.80 4.12
CA GLY A 81 -7.71 -30.72 4.20
C GLY A 81 -8.10 -31.04 5.62
N VAL A 82 -9.08 -31.94 5.74
CA VAL A 82 -9.56 -32.53 6.97
C VAL A 82 -9.38 -34.05 6.90
N ALA A 83 -8.75 -34.61 7.94
CA ALA A 83 -8.48 -36.05 7.91
C ALA A 83 -8.66 -36.75 9.24
N LYS A 84 -8.78 -38.08 9.20
CA LYS A 84 -8.90 -38.85 10.45
C LYS A 84 -7.61 -39.60 10.64
N VAL A 85 -7.03 -39.49 11.82
CA VAL A 85 -5.78 -40.19 12.13
C VAL A 85 -5.98 -41.71 12.28
N LEU A 86 -5.10 -42.45 11.62
CA LEU A 86 -5.10 -43.89 11.68
C LEU A 86 -3.96 -44.50 12.53
N GLU A 87 -2.76 -43.93 12.44
CA GLU A 87 -1.63 -44.34 13.27
C GLU A 87 -0.77 -43.07 13.40
N SER A 88 -0.01 -42.98 14.49
CA SER A 88 0.79 -41.80 14.77
C SER A 88 2.07 -42.17 15.52
N GLY A 89 3.22 -41.71 15.04
CA GLY A 89 4.47 -41.73 15.82
C GLY A 89 4.65 -40.42 16.61
N ASP A 90 3.70 -39.48 16.46
CA ASP A 90 3.66 -38.23 17.24
C ASP A 90 2.71 -38.35 18.46
N PRO A 91 3.23 -38.19 19.71
CA PRO A 91 2.35 -38.31 20.89
C PRO A 91 1.20 -37.26 20.95
N LYS A 92 1.33 -36.17 20.22
CA LYS A 92 0.23 -35.23 20.19
C LYS A 92 -1.01 -35.72 19.48
N PHE A 93 -0.87 -36.71 18.63
CA PHE A 93 -1.99 -37.26 17.87
C PHE A 93 -2.29 -38.73 18.15
N GLN A 94 -3.53 -39.05 18.36
CA GLN A 94 -3.93 -40.41 18.58
C GLN A 94 -4.82 -40.96 17.46
N LYS A 95 -4.73 -42.25 17.16
CA LYS A 95 -5.70 -42.92 16.32
C LYS A 95 -7.13 -42.53 16.66
N GLY A 96 -7.87 -42.07 15.67
CA GLY A 96 -9.20 -41.55 15.88
C GLY A 96 -9.39 -40.05 15.97
N ASP A 97 -8.37 -39.32 16.33
CA ASP A 97 -8.35 -37.87 16.20
C ASP A 97 -8.72 -37.39 14.78
N LEU A 98 -9.36 -36.21 14.72
CA LEU A 98 -9.68 -35.56 13.48
C LEU A 98 -8.78 -34.35 13.47
N VAL A 99 -8.20 -34.04 12.31
CA VAL A 99 -7.20 -32.96 12.18
C VAL A 99 -7.50 -32.16 10.93
N TRP A 100 -6.99 -30.95 10.84
CA TRP A 100 -6.99 -30.24 9.57
C TRP A 100 -5.64 -29.60 9.44
N GLY A 101 -5.19 -29.46 8.19
CA GLY A 101 -3.84 -28.97 7.88
C GLY A 101 -3.50 -29.39 6.45
N MET A 102 -2.22 -29.34 6.15
CA MET A 102 -1.72 -29.63 4.82
C MET A 102 -1.72 -31.18 4.67
N THR A 103 -2.28 -31.70 3.59
CA THR A 103 -2.34 -33.11 3.41
C THR A 103 -2.23 -33.34 1.86
N GLY A 104 -2.28 -34.60 1.44
CA GLY A 104 -2.20 -34.89 0.01
C GLY A 104 -3.56 -35.12 -0.63
N TRP A 105 -3.59 -34.97 -1.94
CA TRP A 105 -4.77 -35.15 -2.70
C TRP A 105 -4.87 -36.61 -3.05
N GLU A 106 -5.36 -37.36 -2.06
CA GLU A 106 -5.31 -38.80 -2.09
C GLU A 106 -6.20 -39.32 -1.00
N GLU A 107 -6.49 -40.63 -1.06
CA GLU A 107 -7.33 -41.23 -0.06
C GLU A 107 -6.69 -41.30 1.30
N TYR A 108 -5.37 -41.58 1.37
CA TYR A 108 -4.61 -41.71 2.62
C TYR A 108 -3.29 -40.94 2.46
N SER A 109 -2.79 -40.31 3.52
CA SER A 109 -1.48 -39.63 3.45
C SER A 109 -0.61 -39.94 4.65
N ILE A 110 0.69 -39.87 4.43
CA ILE A 110 1.68 -39.96 5.51
C ILE A 110 2.14 -38.54 5.67
N ILE A 111 1.79 -37.91 6.79
CA ILE A 111 2.11 -36.49 7.00
C ILE A 111 3.28 -36.37 7.96
N THR A 112 4.33 -35.68 7.52
CA THR A 112 5.46 -35.37 8.39
C THR A 112 5.13 -34.06 9.16
N PRO A 113 5.70 -33.85 10.36
CA PRO A 113 5.37 -32.61 11.14
C PRO A 113 5.13 -31.29 10.38
N LEU A 117 -0.36 -29.25 11.72
CA LEU A 117 -1.62 -29.99 11.86
C LEU A 117 -2.42 -29.53 13.11
N PHE A 118 -3.69 -29.18 12.95
CA PHE A 118 -4.52 -28.78 14.07
C PHE A 118 -5.50 -29.95 14.47
N LYS A 119 -5.55 -30.29 15.75
CA LYS A 119 -6.45 -31.34 16.27
C LYS A 119 -7.80 -30.66 16.42
N ILE A 120 -8.83 -31.23 15.79
CA ILE A 120 -10.20 -30.75 15.84
C ILE A 120 -10.93 -31.22 17.11
N HIS A 121 -11.54 -30.28 17.82
CA HIS A 121 -12.23 -30.65 19.05
C HIS A 121 -13.72 -30.59 18.97
N ASP A 122 -14.27 -29.69 18.17
CA ASP A 122 -15.73 -29.59 18.10
C ASP A 122 -16.17 -30.27 16.83
N LYS A 123 -16.97 -31.33 16.98
CA LYS A 123 -17.57 -32.05 15.85
C LYS A 123 -19.10 -31.87 15.80
N ASP A 124 -19.62 -30.89 16.52
CA ASP A 124 -21.04 -30.47 16.37
C ASP A 124 -21.21 -29.44 15.23
N VAL A 125 -20.22 -29.35 14.35
CA VAL A 125 -20.33 -28.52 13.18
C VAL A 125 -19.88 -29.41 12.04
N PRO A 126 -20.29 -29.12 10.81
CA PRO A 126 -19.84 -30.04 9.73
C PRO A 126 -18.30 -30.04 9.67
N LEU A 127 -17.73 -31.23 9.47
CA LEU A 127 -16.30 -31.38 9.36
C LEU A 127 -15.75 -30.62 8.15
N SER A 128 -16.51 -30.58 7.06
CA SER A 128 -16.14 -29.76 5.91
C SER A 128 -15.87 -28.29 6.23
N TYR A 129 -16.38 -27.76 7.35
CA TYR A 129 -16.16 -26.35 7.69
C TYR A 129 -14.73 -26.07 8.04
N TYR A 130 -14.00 -27.11 8.46
CA TYR A 130 -12.58 -26.87 8.74
C TYR A 130 -11.68 -26.71 7.49
N THR A 131 -12.27 -26.82 6.27
CA THR A 131 -11.56 -26.37 5.03
C THR A 131 -11.81 -24.91 4.74
N GLY A 132 -12.84 -24.30 5.37
CA GLY A 132 -13.27 -22.96 5.05
C GLY A 132 -13.46 -22.05 6.24
N ILE A 133 -14.72 -21.81 6.64
CA ILE A 133 -15.00 -20.85 7.72
C ILE A 133 -14.21 -21.12 9.06
N LEU A 134 -13.92 -22.39 9.36
CA LEU A 134 -13.19 -22.76 10.60
C LEU A 134 -11.77 -23.17 10.29
N GLY A 135 -11.32 -23.01 9.03
CA GLY A 135 -9.94 -23.31 8.63
C GLY A 135 -9.22 -22.07 8.12
N MET A 136 -8.34 -22.25 7.15
CA MET A 136 -7.49 -21.13 6.65
C MET A 136 -8.29 -19.89 6.10
N PRO A 137 -9.30 -20.11 5.24
CA PRO A 137 -9.97 -18.94 4.67
C PRO A 137 -10.74 -18.14 5.74
N GLY A 138 -11.34 -18.85 6.71
CA GLY A 138 -11.97 -18.21 7.83
C GLY A 138 -10.97 -17.35 8.63
N MET A 139 -9.78 -17.90 8.90
CA MET A 139 -8.74 -17.18 9.65
C MET A 139 -8.25 -15.96 8.86
N THR A 140 -8.17 -16.11 7.53
CA THR A 140 -7.80 -15.03 6.60
C THR A 140 -8.78 -13.86 6.70
N ALA A 141 -10.09 -14.16 6.66
CA ALA A 141 -11.11 -13.08 6.75
C ALA A 141 -10.99 -12.37 8.08
N TYR A 142 -10.85 -13.14 9.16
CA TYR A 142 -10.76 -12.56 10.48
C TYR A 142 -9.49 -11.70 10.61
N ALA A 143 -8.30 -12.26 10.30
CA ALA A 143 -7.06 -11.48 10.43
C ALA A 143 -7.05 -10.25 9.53
N GLY A 144 -7.35 -10.46 8.25
CA GLY A 144 -7.51 -9.37 7.30
C GLY A 144 -8.47 -8.24 7.75
N PHE A 145 -9.69 -8.62 8.14
CA PHE A 145 -10.65 -7.58 8.47
C PHE A 145 -10.42 -6.97 9.85
N HIS A 146 -10.28 -7.81 10.87
CA HIS A 146 -10.21 -7.32 12.25
C HIS A 146 -8.84 -6.70 12.57
N GLU A 147 -7.77 -7.23 11.99
CA GLU A 147 -6.42 -6.74 12.27
C GLU A 147 -5.96 -5.72 11.24
N VAL A 148 -5.94 -6.06 9.96
CA VAL A 148 -5.36 -5.15 8.95
C VAL A 148 -6.21 -3.89 8.62
N CYS A 149 -7.55 -4.02 8.60
CA CYS A 149 -8.42 -2.92 8.19
C CYS A 149 -8.71 -1.88 9.26
N SER A 150 -8.29 -2.15 10.50
CA SER A 150 -8.65 -1.33 11.69
C SER A 150 -10.06 -0.75 11.57
N PRO A 151 -11.09 -1.62 11.41
CA PRO A 151 -12.43 -1.16 11.10
C PRO A 151 -13.09 -0.40 12.24
N LYS A 152 -14.02 0.52 11.96
CA LYS A 152 -14.77 1.23 13.00
C LYS A 152 -16.25 1.24 12.60
N LYS A 153 -17.12 1.31 13.62
CA LYS A 153 -18.58 1.37 13.45
C LYS A 153 -18.92 2.54 12.54
N GLY A 154 -19.79 2.26 11.57
CA GLY A 154 -20.28 3.27 10.64
C GLY A 154 -19.41 3.51 9.41
N GLU A 155 -18.26 2.88 9.33
CA GLU A 155 -17.41 2.98 8.12
C GLU A 155 -17.96 2.27 6.88
N THR A 156 -17.56 2.71 5.70
CA THR A 156 -18.01 2.08 4.48
C THR A 156 -16.98 1.07 4.00
N VAL A 157 -17.47 -0.11 3.57
CA VAL A 157 -16.62 -1.27 3.29
C VAL A 157 -17.04 -1.86 1.95
N PHE A 158 -16.04 -2.03 1.08
CA PHE A 158 -16.21 -2.68 -0.20
C PHE A 158 -15.38 -3.96 -0.20
N VAL A 159 -15.95 -5.06 -0.68
CA VAL A 159 -15.28 -6.36 -0.67
C VAL A 159 -15.41 -6.92 -2.08
N SER A 160 -14.30 -7.28 -2.71
CA SER A 160 -14.38 -7.96 -4.01
C SER A 160 -14.38 -9.48 -3.84
N ALA A 161 -14.64 -10.26 -4.91
CA ALA A 161 -14.93 -11.68 -4.81
C ALA A 161 -15.76 -11.98 -3.52
N ALA A 162 -16.81 -11.20 -3.31
CA ALA A 162 -17.51 -11.11 -2.01
C ALA A 162 -18.31 -12.34 -1.63
N SER A 163 -18.78 -13.12 -2.61
CA SER A 163 -19.53 -14.37 -2.26
C SER A 163 -18.56 -15.56 -2.04
N GLY A 164 -17.26 -15.34 -2.18
CA GLY A 164 -16.30 -16.49 -1.96
C GLY A 164 -15.98 -16.90 -0.52
N ALA A 165 -15.06 -17.84 -0.36
CA ALA A 165 -14.67 -18.41 0.93
C ALA A 165 -14.33 -17.35 1.98
N VAL A 166 -13.52 -16.36 1.58
CA VAL A 166 -13.01 -15.31 2.47
C VAL A 166 -14.02 -14.11 2.47
N GLY A 167 -14.43 -13.66 1.27
CA GLY A 167 -15.36 -12.52 1.12
C GLY A 167 -16.70 -12.61 1.85
N GLN A 168 -17.33 -13.78 1.86
CA GLN A 168 -18.65 -13.87 2.46
C GLN A 168 -18.52 -13.65 3.97
N LEU A 169 -17.40 -14.03 4.55
CA LEU A 169 -17.16 -13.80 5.98
C LEU A 169 -16.82 -12.34 6.29
N VAL A 170 -15.89 -11.74 5.52
CA VAL A 170 -15.51 -10.32 5.70
C VAL A 170 -16.79 -9.48 5.74
N GLY A 171 -17.68 -9.72 4.80
CA GLY A 171 -18.92 -8.94 4.72
C GLY A 171 -19.78 -9.05 5.96
N GLN A 172 -19.93 -10.27 6.50
CA GLN A 172 -20.70 -10.45 7.71
C GLN A 172 -20.00 -9.84 8.93
N PHE A 173 -18.69 -9.98 9.02
CA PHE A 173 -17.95 -9.41 10.17
C PHE A 173 -18.13 -7.89 10.17
N ALA A 174 -18.07 -7.30 8.98
CA ALA A 174 -18.29 -5.85 8.82
C ALA A 174 -19.70 -5.36 9.21
N LYS A 175 -20.73 -6.11 8.83
CA LYS A 175 -22.12 -5.79 9.19
C LYS A 175 -22.30 -5.91 10.70
N MET A 176 -21.67 -6.93 11.28
CA MET A 176 -21.72 -7.20 12.75
C MET A 176 -21.13 -6.03 13.53
N LEU A 177 -20.19 -5.34 12.89
CA LEU A 177 -19.61 -4.15 13.48
C LEU A 177 -20.42 -2.87 13.23
N GLY A 178 -21.50 -2.95 12.45
CA GLY A 178 -22.35 -1.78 12.16
C GLY A 178 -21.75 -0.95 11.00
N CYS A 179 -20.96 -1.62 10.15
CA CYS A 179 -20.42 -1.01 8.94
C CYS A 179 -21.44 -1.05 7.84
N TYR A 180 -21.31 -0.13 6.85
CA TYR A 180 -22.11 -0.23 5.60
C TYR A 180 -21.30 -1.01 4.54
N VAL A 181 -21.89 -2.02 3.91
CA VAL A 181 -21.06 -3.03 3.20
C VAL A 181 -21.58 -3.34 1.79
N VAL A 182 -20.68 -3.25 0.82
CA VAL A 182 -21.08 -3.51 -0.59
C VAL A 182 -20.16 -4.62 -1.14
N GLY A 183 -20.70 -5.55 -1.96
CA GLY A 183 -19.83 -6.64 -2.47
C GLY A 183 -19.92 -6.73 -4.00
N SER A 184 -18.86 -7.15 -4.67
CA SER A 184 -18.99 -7.48 -6.08
C SER A 184 -18.80 -8.95 -6.29
N ALA A 185 -19.54 -9.48 -7.28
CA ALA A 185 -19.44 -10.87 -7.68
C ALA A 185 -19.70 -11.05 -9.18
N GLY A 186 -19.44 -12.22 -9.73
CA GLY A 186 -19.43 -12.35 -11.18
C GLY A 186 -20.70 -12.95 -11.77
N SER A 187 -21.80 -13.03 -11.00
CA SER A 187 -23.10 -13.50 -11.52
C SER A 187 -24.28 -13.05 -10.66
N LYS A 188 -25.46 -13.06 -11.28
CA LYS A 188 -26.71 -12.62 -10.64
C LYS A 188 -27.02 -13.49 -9.41
N GLU A 189 -26.81 -14.79 -9.55
CA GLU A 189 -27.04 -15.72 -8.45
C GLU A 189 -26.17 -15.33 -7.20
N LYS A 190 -24.92 -14.97 -7.43
CA LYS A 190 -23.96 -14.58 -6.37
C LYS A 190 -24.29 -13.24 -5.77
N VAL A 191 -24.60 -12.26 -6.60
CA VAL A 191 -25.20 -11.00 -6.14
C VAL A 191 -26.46 -11.24 -5.25
N ASP A 192 -27.43 -12.11 -5.67
CA ASP A 192 -28.65 -12.35 -4.88
CA ASP A 192 -28.68 -12.46 -4.88
C ASP A 192 -28.28 -12.94 -3.52
N LEU A 193 -27.34 -13.86 -3.52
CA LEU A 193 -26.85 -14.44 -2.31
C LEU A 193 -26.23 -13.39 -1.38
N LEU A 194 -25.35 -12.53 -1.91
CA LEU A 194 -24.77 -11.43 -1.07
C LEU A 194 -25.87 -10.67 -0.28
N LYS A 195 -26.97 -10.35 -0.97
CA LYS A 195 -27.96 -9.47 -0.36
C LYS A 195 -28.97 -10.23 0.49
N SER A 196 -29.37 -11.44 0.10
CA SER A 196 -30.45 -12.18 0.85
C SER A 196 -29.93 -13.15 1.92
N LYS A 197 -28.75 -13.71 1.71
CA LYS A 197 -28.21 -14.61 2.69
C LYS A 197 -27.15 -13.99 3.60
N PHE A 198 -26.29 -13.15 3.02
CA PHE A 198 -25.13 -12.74 3.80
C PHE A 198 -25.36 -11.35 4.41
N GLY A 199 -26.49 -10.73 4.11
CA GLY A 199 -26.80 -9.41 4.69
C GLY A 199 -25.91 -8.24 4.22
N PHE A 200 -25.29 -8.33 3.03
CA PHE A 200 -24.65 -7.12 2.45
C PHE A 200 -25.71 -6.01 2.20
N ASP A 201 -25.36 -4.74 2.39
CA ASP A 201 -26.32 -3.68 2.10
C ASP A 201 -26.61 -3.58 0.61
N GLU A 202 -25.58 -3.73 -0.23
CA GLU A 202 -25.74 -3.73 -1.68
C GLU A 202 -24.71 -4.64 -2.26
N ALA A 203 -24.93 -5.00 -3.52
CA ALA A 203 -24.01 -5.84 -4.26
C ALA A 203 -24.26 -5.61 -5.75
N PHE A 204 -23.23 -5.83 -6.57
CA PHE A 204 -23.41 -5.74 -8.02
C PHE A 204 -22.58 -6.76 -8.75
N ASN A 205 -23.01 -7.08 -9.96
CA ASN A 205 -22.25 -7.97 -10.83
C ASN A 205 -21.19 -7.17 -11.58
N TYR A 206 -19.87 -7.31 -11.26
CA TYR A 206 -18.84 -6.48 -11.90
C TYR A 206 -18.85 -6.60 -13.43
N LYS A 207 -19.31 -7.74 -13.96
CA LYS A 207 -19.31 -7.97 -15.42
C LYS A 207 -20.37 -7.13 -16.16
N GLU A 208 -21.39 -6.67 -15.41
CA GLU A 208 -22.47 -5.85 -15.99
C GLU A 208 -22.23 -4.34 -15.88
N GLU A 209 -21.07 -3.94 -15.39
CA GLU A 209 -20.76 -2.53 -15.26
C GLU A 209 -19.88 -2.07 -16.41
N GLN A 210 -20.38 -1.12 -17.17
CA GLN A 210 -19.55 -0.46 -18.20
C GLN A 210 -18.24 0.22 -17.62
N ASP A 211 -18.38 0.84 -16.44
CA ASP A 211 -17.33 1.68 -15.84
C ASP A 211 -17.32 1.40 -14.31
N LEU A 212 -16.38 0.60 -13.83
CA LEU A 212 -16.33 0.19 -12.43
C LEU A 212 -16.20 1.40 -11.47
N SER A 213 -15.44 2.44 -11.85
CA SER A 213 -15.30 3.66 -11.02
C SER A 213 -16.66 4.32 -10.80
N ALA A 214 -17.42 4.46 -11.88
CA ALA A 214 -18.75 5.11 -11.84
C ALA A 214 -19.69 4.21 -11.05
N ALA A 215 -19.53 2.89 -11.17
CA ALA A 215 -20.32 1.95 -10.36
C ALA A 215 -20.09 2.13 -8.84
N LEU A 216 -18.83 2.17 -8.41
CA LEU A 216 -18.52 2.33 -6.99
C LEU A 216 -18.94 3.67 -6.46
N LYS A 217 -18.85 4.71 -7.28
CA LYS A 217 -19.32 6.05 -6.91
C LYS A 217 -20.85 6.06 -6.64
N ARG A 218 -21.61 5.37 -7.51
CA ARG A 218 -23.04 5.13 -7.27
CA ARG A 218 -23.04 5.08 -7.31
C ARG A 218 -23.28 4.45 -5.93
N TYR A 219 -22.56 3.36 -5.62
CA TYR A 219 -22.79 2.70 -4.34
C TYR A 219 -22.14 3.39 -3.13
N PHE A 220 -21.13 4.24 -3.34
CA PHE A 220 -20.46 4.92 -2.24
C PHE A 220 -20.42 6.43 -2.52
N PRO A 221 -21.57 7.13 -2.34
CA PRO A 221 -21.54 8.55 -2.73
C PRO A 221 -20.49 9.37 -1.98
N ASP A 222 -20.13 8.97 -0.76
CA ASP A 222 -19.11 9.69 0.01
C ASP A 222 -17.76 8.95 0.04
N GLY A 223 -17.60 7.94 -0.81
CA GLY A 223 -16.36 7.17 -0.79
C GLY A 223 -16.26 5.94 0.10
N ILE A 224 -15.14 5.23 -0.02
CA ILE A 224 -14.96 3.93 0.63
C ILE A 224 -13.91 4.06 1.73
N ASP A 225 -14.25 3.71 2.97
CA ASP A 225 -13.23 3.69 4.04
C ASP A 225 -12.29 2.51 3.96
N ILE A 226 -12.83 1.35 3.59
CA ILE A 226 -12.07 0.11 3.66
C ILE A 226 -12.32 -0.73 2.42
N TYR A 227 -11.25 -1.08 1.71
CA TYR A 227 -11.37 -2.04 0.60
C TYR A 227 -10.72 -3.37 0.99
N PHE A 228 -11.52 -4.46 1.05
CA PHE A 228 -10.95 -5.78 1.25
C PHE A 228 -10.72 -6.39 -0.15
N GLU A 229 -9.45 -6.44 -0.52
CA GLU A 229 -8.98 -6.67 -1.88
C GLU A 229 -8.65 -8.14 -2.13
N ASN A 230 -9.49 -8.83 -2.91
CA ASN A 230 -9.32 -10.22 -3.29
C ASN A 230 -8.97 -10.42 -4.75
N VAL A 231 -8.92 -9.34 -5.52
CA VAL A 231 -9.02 -9.48 -6.98
C VAL A 231 -7.93 -8.78 -7.83
N GLY A 232 -7.56 -7.57 -7.43
CA GLY A 232 -6.56 -6.76 -8.15
C GLY A 232 -7.06 -6.24 -9.51
N GLY A 233 -6.12 -5.82 -10.34
CA GLY A 233 -6.39 -5.36 -11.71
C GLY A 233 -7.22 -4.08 -11.76
N LYS A 234 -8.06 -4.01 -12.77
CA LYS A 234 -8.89 -2.83 -13.01
C LYS A 234 -9.84 -2.51 -11.88
N MET A 235 -10.35 -3.53 -11.19
CA MET A 235 -11.08 -3.27 -9.97
C MET A 235 -10.27 -2.41 -8.97
N LEU A 236 -8.99 -2.72 -8.80
CA LEU A 236 -8.21 -1.95 -7.77
C LEU A 236 -8.11 -0.46 -8.14
N ASP A 237 -7.87 -0.18 -9.44
CA ASP A 237 -7.87 1.20 -9.95
C ASP A 237 -9.20 1.95 -9.75
N ALA A 238 -10.32 1.24 -9.93
CA ALA A 238 -11.64 1.85 -9.76
C ALA A 238 -11.87 2.16 -8.28
N VAL A 239 -11.40 1.28 -7.37
CA VAL A 239 -11.51 1.51 -5.91
C VAL A 239 -10.65 2.72 -5.52
N LEU A 240 -9.46 2.85 -6.08
CA LEU A 240 -8.51 3.86 -5.55
C LEU A 240 -9.04 5.28 -5.63
N VAL A 241 -9.72 5.58 -6.75
CA VAL A 241 -10.27 6.89 -6.99
C VAL A 241 -11.58 7.14 -6.22
N ASN A 242 -12.10 6.10 -5.58
CA ASN A 242 -13.28 6.20 -4.72
C ASN A 242 -12.98 6.10 -3.20
N MET A 243 -11.72 6.11 -2.79
CA MET A 243 -11.43 5.89 -1.35
C MET A 243 -11.59 7.18 -0.61
N LYS A 244 -12.01 7.06 0.66
CA LYS A 244 -12.05 8.20 1.58
C LYS A 244 -10.67 8.55 2.07
N LEU A 245 -10.50 9.76 2.63
CA LEU A 245 -9.30 10.10 3.42
CA LEU A 245 -9.31 10.12 3.44
C LEU A 245 -9.01 9.02 4.46
N TYR A 246 -7.72 8.64 4.57
CA TYR A 246 -7.23 7.61 5.53
C TYR A 246 -7.86 6.23 5.32
N GLY A 247 -8.38 6.02 4.14
CA GLY A 247 -8.89 4.71 3.75
C GLY A 247 -7.79 3.68 3.87
N ARG A 248 -8.21 2.43 4.03
CA ARG A 248 -7.29 1.35 4.17
C ARG A 248 -7.65 0.29 3.15
N ILE A 249 -6.62 -0.34 2.61
CA ILE A 249 -6.86 -1.46 1.69
C ILE A 249 -6.10 -2.59 2.23
N ALA A 250 -6.78 -3.65 2.59
CA ALA A 250 -6.07 -4.85 3.03
C ALA A 250 -5.88 -5.73 1.80
N VAL A 251 -4.64 -5.93 1.43
CA VAL A 251 -4.34 -6.61 0.19
C VAL A 251 -4.23 -8.11 0.51
N CYS A 252 -5.33 -8.82 0.24
CA CYS A 252 -5.47 -10.23 0.57
C CYS A 252 -5.08 -11.11 -0.59
N GLY A 253 -5.59 -10.78 -1.77
CA GLY A 253 -5.42 -11.58 -2.97
C GLY A 253 -5.60 -10.74 -4.20
N MET A 254 -5.10 -11.25 -5.33
CA MET A 254 -5.28 -10.60 -6.63
C MET A 254 -5.62 -11.60 -7.72
N ILE A 255 -6.72 -12.34 -7.49
CA ILE A 255 -7.01 -13.49 -8.32
C ILE A 255 -7.18 -13.20 -9.83
N SER A 256 -7.57 -12.00 -10.22
CA SER A 256 -7.67 -11.68 -11.67
C SER A 256 -6.34 -11.73 -12.38
N GLN A 257 -5.27 -11.71 -11.58
CA GLN A 257 -3.89 -11.69 -12.11
C GLN A 257 -3.25 -13.11 -12.16
N TYR A 258 -3.84 -14.08 -11.45
CA TYR A 258 -3.08 -15.37 -11.23
C TYR A 258 -2.79 -16.17 -12.52
N ASN A 259 -3.64 -16.02 -13.52
CA ASN A 259 -3.51 -16.81 -14.75
C ASN A 259 -2.95 -16.03 -15.92
N LEU A 260 -2.47 -14.82 -15.65
CA LEU A 260 -1.88 -14.00 -16.70
C LEU A 260 -0.41 -14.28 -16.88
N GLU A 261 0.08 -14.22 -18.09
CA GLU A 261 1.54 -14.29 -18.20
C GLU A 261 2.24 -12.95 -17.97
N GLN A 262 1.53 -11.83 -18.17
CA GLN A 262 1.99 -10.52 -17.69
C GLN A 262 0.83 -9.86 -16.94
N THR A 263 1.13 -9.37 -15.74
CA THR A 263 0.15 -8.67 -14.92
C THR A 263 -0.30 -7.39 -15.61
N GLU A 264 -1.52 -7.01 -15.31
CA GLU A 264 -2.02 -5.71 -15.72
C GLU A 264 -1.40 -4.63 -14.83
N GLY A 265 -1.07 -3.50 -15.46
CA GLY A 265 -0.52 -2.36 -14.75
C GLY A 265 -1.59 -1.67 -13.93
N VAL A 266 -1.22 -1.27 -12.70
CA VAL A 266 -2.12 -0.48 -11.85
C VAL A 266 -1.69 0.97 -11.98
N HIS A 267 -2.64 1.85 -12.31
CA HIS A 267 -2.33 3.21 -12.73
C HIS A 267 -2.62 4.33 -11.71
N ASN A 268 -3.41 4.01 -10.69
CA ASN A 268 -3.97 5.09 -9.84
C ASN A 268 -3.31 5.25 -8.47
N LEU A 269 -2.09 4.74 -8.31
CA LEU A 269 -1.42 4.82 -7.00
C LEU A 269 -1.16 6.19 -6.45
N PHE A 270 -1.21 7.22 -7.30
CA PHE A 270 -1.02 8.60 -6.81
CA PHE A 270 -1.08 8.63 -6.86
C PHE A 270 -2.12 8.94 -5.77
N CYS A 271 -3.25 8.23 -5.85
CA CYS A 271 -4.33 8.40 -4.86
C CYS A 271 -3.91 8.09 -3.40
N LEU A 272 -2.90 7.23 -3.24
CA LEU A 272 -2.41 6.91 -1.88
C LEU A 272 -1.96 8.19 -1.21
N ILE A 273 -1.45 9.14 -2.00
CA ILE A 273 -0.95 10.42 -1.45
C ILE A 273 -2.10 11.41 -1.18
N THR A 274 -2.90 11.69 -2.20
CA THR A 274 -3.98 12.67 -2.07
C THR A 274 -4.99 12.28 -0.97
N LYS A 275 -5.26 10.97 -0.85
CA LYS A 275 -6.15 10.43 0.17
C LYS A 275 -5.45 9.83 1.41
N ARG A 276 -4.12 9.86 1.51
CA ARG A 276 -3.44 9.28 2.65
C ARG A 276 -3.94 7.83 2.99
N ILE A 277 -3.78 6.94 2.03
CA ILE A 277 -4.31 5.60 2.14
C ILE A 277 -3.23 4.66 2.64
N ARG A 278 -3.57 3.69 3.51
CA ARG A 278 -2.65 2.66 3.89
C ARG A 278 -3.07 1.38 3.14
N MET A 279 -2.17 0.85 2.31
CA MET A 279 -2.48 -0.31 1.51
C MET A 279 -1.51 -1.34 2.03
N GLU A 280 -2.01 -2.40 2.68
CA GLU A 280 -1.15 -3.34 3.34
C GLU A 280 -1.44 -4.77 2.95
N GLY A 281 -0.41 -5.51 2.50
CA GLY A 281 -0.55 -6.97 2.26
C GLY A 281 -0.40 -7.76 3.56
N PHE A 282 -0.96 -8.95 3.62
CA PHE A 282 -0.85 -9.78 4.80
C PHE A 282 -0.93 -11.24 4.35
N LEU A 283 -0.38 -12.14 5.19
CA LEU A 283 -0.51 -13.57 4.98
C LEU A 283 -1.11 -14.21 6.24
N VAL A 284 -2.13 -15.02 6.03
CA VAL A 284 -2.88 -15.65 7.09
C VAL A 284 -1.95 -16.46 8.02
N PHE A 285 -0.97 -17.16 7.46
CA PHE A 285 0.05 -17.87 8.27
C PHE A 285 0.62 -17.12 9.49
N ASP A 286 0.77 -15.81 9.35
CA ASP A 286 1.42 -14.97 10.35
C ASP A 286 0.51 -14.76 11.56
N TYR A 287 -0.76 -15.16 11.42
CA TYR A 287 -1.80 -14.82 12.36
C TYR A 287 -2.40 -16.07 13.09
N TYR A 288 -1.75 -17.22 13.01
CA TYR A 288 -2.35 -18.42 13.59
C TYR A 288 -2.38 -18.43 15.12
N HIS A 289 -1.58 -17.55 15.75
CA HIS A 289 -1.67 -17.32 17.20
C HIS A 289 -3.07 -16.84 17.60
N LEU A 290 -3.80 -16.27 16.65
CA LEU A 290 -5.15 -15.73 16.93
C LEU A 290 -6.26 -16.75 16.65
N TYR A 291 -5.87 -17.91 16.12
CA TYR A 291 -6.84 -18.93 15.72
C TYR A 291 -7.69 -19.44 16.95
N PRO A 292 -7.01 -19.70 18.12
CA PRO A 292 -7.85 -20.13 19.25
C PRO A 292 -8.96 -19.14 19.53
N LYS A 293 -8.63 -17.86 19.54
CA LYS A 293 -9.63 -16.83 19.73
C LYS A 293 -10.72 -16.76 18.66
N TYR A 294 -10.33 -17.03 17.40
CA TYR A 294 -11.26 -16.86 16.35
C TYR A 294 -12.34 -17.93 16.49
N LEU A 295 -11.91 -19.15 16.75
CA LEU A 295 -12.81 -20.29 16.85
C LEU A 295 -13.76 -20.18 18.01
N GLU A 296 -13.27 -19.59 19.09
CA GLU A 296 -14.02 -19.45 20.32
C GLU A 296 -15.11 -18.41 20.10
N MET A 297 -14.89 -17.38 19.26
CA MET A 297 -15.91 -16.35 18.89
C MET A 297 -16.93 -16.84 17.80
N VAL A 298 -16.40 -17.41 16.72
CA VAL A 298 -17.19 -17.79 15.56
C VAL A 298 -18.08 -19.02 15.74
N ILE A 299 -17.59 -20.07 16.39
CA ILE A 299 -18.37 -21.30 16.54
C ILE A 299 -19.72 -21.05 17.22
N PRO A 300 -19.75 -20.26 18.32
CA PRO A 300 -21.04 -19.99 18.93
C PRO A 300 -21.95 -19.17 18.02
N GLN A 301 -21.38 -18.23 17.28
CA GLN A 301 -22.14 -17.42 16.33
C GLN A 301 -22.73 -18.25 15.16
N ILE A 302 -21.99 -19.25 14.67
CA ILE A 302 -22.49 -20.17 13.67
C ILE A 302 -23.69 -21.00 14.23
N LYS A 303 -23.48 -21.66 15.39
CA LYS A 303 -24.55 -22.41 16.08
C LYS A 303 -25.80 -21.57 16.36
N ALA A 304 -25.63 -20.27 16.59
CA ALA A 304 -26.79 -19.38 16.76
C ALA A 304 -27.37 -18.79 15.47
N GLY A 305 -26.83 -19.13 14.30
CA GLY A 305 -27.30 -18.56 13.04
C GLY A 305 -26.96 -17.08 12.83
N LYS A 306 -26.10 -16.51 13.66
CA LYS A 306 -25.74 -15.10 13.46
C LYS A 306 -24.64 -14.92 12.36
N VAL A 307 -23.83 -15.95 12.15
CA VAL A 307 -22.88 -16.00 11.02
C VAL A 307 -23.26 -17.25 10.20
N VAL A 308 -23.35 -17.10 8.88
CA VAL A 308 -23.75 -18.23 8.01
C VAL A 308 -22.68 -18.55 6.99
N TYR A 309 -22.80 -19.72 6.36
CA TYR A 309 -21.82 -20.17 5.39
C TYR A 309 -22.48 -20.91 4.24
N VAL A 310 -21.89 -20.70 3.06
CA VAL A 310 -22.25 -21.43 1.84
C VAL A 310 -20.99 -22.06 1.27
N GLU A 311 -21.02 -23.38 1.12
CA GLU A 311 -19.92 -24.10 0.51
C GLU A 311 -20.46 -24.95 -0.63
N ASP A 312 -19.54 -25.30 -1.52
CA ASP A 312 -19.83 -26.04 -2.75
C ASP A 312 -19.03 -27.31 -2.56
N VAL A 313 -19.71 -28.44 -2.33
CA VAL A 313 -19.00 -29.72 -2.07
C VAL A 313 -19.02 -30.69 -3.29
N ALA A 314 -17.89 -30.81 -3.99
CA ALA A 314 -17.78 -31.80 -5.09
C ALA A 314 -17.58 -33.20 -4.52
N HIS A 315 -18.08 -34.21 -5.21
CA HIS A 315 -17.96 -35.56 -4.66
CA HIS A 315 -18.08 -35.60 -4.76
C HIS A 315 -16.92 -36.44 -5.36
N GLY A 316 -16.02 -36.95 -4.53
CA GLY A 316 -14.96 -37.87 -4.94
C GLY A 316 -13.68 -37.23 -5.50
N LEU A 317 -12.54 -37.90 -5.32
CA LEU A 317 -11.30 -37.40 -5.92
C LEU A 317 -11.37 -37.13 -7.45
N GLU A 318 -12.22 -37.89 -8.16
CA GLU A 318 -12.37 -37.70 -9.62
C GLU A 318 -12.89 -36.31 -10.00
N SER A 319 -13.59 -35.66 -9.06
CA SER A 319 -14.11 -34.35 -9.29
C SER A 319 -13.11 -33.25 -8.99
N ALA A 320 -12.01 -33.60 -8.37
CA ALA A 320 -11.13 -32.58 -7.83
C ALA A 320 -10.49 -31.68 -8.92
N PRO A 321 -10.01 -32.26 -10.03
CA PRO A 321 -9.46 -31.37 -11.08
C PRO A 321 -10.44 -30.31 -11.54
N THR A 322 -11.67 -30.74 -11.80
CA THR A 322 -12.76 -29.86 -12.18
C THR A 322 -13.06 -28.80 -11.09
N ALA A 323 -13.13 -29.25 -9.83
CA ALA A 323 -13.42 -28.34 -8.74
C ALA A 323 -12.32 -27.29 -8.69
N LEU A 324 -11.06 -27.70 -8.87
CA LEU A 324 -9.96 -26.75 -8.70
C LEU A 324 -9.92 -25.68 -9.84
N VAL A 325 -9.96 -26.20 -11.08
CA VAL A 325 -10.04 -25.37 -12.28
C VAL A 325 -11.23 -24.35 -12.27
N GLY A 326 -12.41 -24.78 -11.86
CA GLY A 326 -13.56 -23.88 -11.77
C GLY A 326 -13.43 -22.64 -10.90
N LEU A 327 -12.46 -22.62 -9.98
CA LEU A 327 -12.24 -21.39 -9.14
C LEU A 327 -11.99 -20.18 -9.99
N PHE A 328 -11.23 -20.43 -11.05
CA PHE A 328 -10.70 -19.34 -11.89
C PHE A 328 -11.72 -18.92 -12.92
N SER A 329 -12.82 -19.69 -13.02
CA SER A 329 -13.93 -19.34 -13.90
CA SER A 329 -13.93 -19.33 -13.90
C SER A 329 -15.11 -18.84 -13.08
N GLY A 330 -14.95 -18.78 -11.77
CA GLY A 330 -16.11 -18.44 -10.92
C GLY A 330 -17.22 -19.52 -10.81
N ARG A 331 -16.90 -20.79 -11.13
CA ARG A 331 -17.86 -21.88 -11.06
C ARG A 331 -18.25 -22.30 -9.63
N ASN A 332 -17.34 -22.09 -8.65
CA ASN A 332 -17.72 -22.33 -7.27
C ASN A 332 -18.79 -21.31 -6.85
N ILE A 333 -19.78 -21.76 -6.06
CA ILE A 333 -20.69 -20.89 -5.34
C ILE A 333 -20.34 -21.01 -3.86
N GLY A 334 -19.68 -19.99 -3.32
CA GLY A 334 -19.13 -20.12 -2.01
C GLY A 334 -17.87 -21.00 -2.00
N LYS A 335 -17.47 -21.42 -0.82
CA LYS A 335 -16.18 -22.07 -0.64
C LYS A 335 -16.18 -23.42 -1.33
N GLN A 336 -15.20 -23.63 -2.18
CA GLN A 336 -15.07 -24.89 -2.91
C GLN A 336 -14.35 -25.98 -2.11
N VAL A 337 -15.04 -27.12 -1.96
CA VAL A 337 -14.56 -28.29 -1.25
C VAL A 337 -14.68 -29.60 -2.05
N VAL A 338 -13.80 -30.58 -1.82
CA VAL A 338 -13.99 -31.92 -2.43
C VAL A 338 -14.14 -32.92 -1.28
N MET A 339 -15.22 -33.68 -1.32
CA MET A 339 -15.45 -34.74 -0.35
C MET A 339 -14.73 -35.97 -0.88
N VAL A 340 -13.76 -36.46 -0.12
CA VAL A 340 -12.94 -37.61 -0.54
C VAL A 340 -13.68 -38.92 -0.30
N SER A 341 -14.32 -39.02 0.85
CA SER A 341 -14.95 -40.22 1.28
C SER A 341 -16.04 -39.89 2.29
N ARG A 342 -17.00 -40.82 2.33
CA ARG A 342 -18.46 -40.62 2.57
C ARG A 342 -18.96 -40.83 3.98
N ALA B 2 0.58 55.06 6.76
CA ALA B 2 0.78 53.79 6.06
C ALA B 2 1.71 54.05 4.90
N GLU B 3 2.73 53.21 4.80
CA GLU B 3 3.68 53.27 3.73
C GLU B 3 2.99 52.80 2.46
N GLU B 4 3.36 53.44 1.36
CA GLU B 4 2.86 53.04 0.07
C GLU B 4 4.08 52.92 -0.81
N VAL B 5 4.22 51.76 -1.44
CA VAL B 5 5.50 51.34 -2.06
C VAL B 5 5.23 50.64 -3.40
N SER B 6 6.23 50.68 -4.30
CA SER B 6 6.17 49.80 -5.47
C SER B 6 6.38 48.32 -5.07
N ASN B 7 5.65 47.48 -5.80
CA ASN B 7 5.52 46.06 -5.52
C ASN B 7 5.68 45.27 -6.84
N LYS B 8 6.83 44.65 -7.03
CA LYS B 8 7.06 43.76 -8.18
C LYS B 8 6.36 42.42 -7.93
N GLN B 9 5.74 41.86 -8.96
CA GLN B 9 4.98 40.59 -8.85
C GLN B 9 5.33 39.67 -10.02
N VAL B 10 5.32 38.37 -9.74
CA VAL B 10 5.35 37.32 -10.75
C VAL B 10 3.96 36.70 -10.94
N ILE B 11 3.43 36.94 -12.13
CA ILE B 11 2.05 36.69 -12.52
C ILE B 11 1.99 35.49 -13.48
N LEU B 12 1.03 34.61 -13.26
CA LEU B 12 0.78 33.55 -14.22
C LEU B 12 0.10 34.18 -15.43
N LYS B 13 0.71 34.03 -16.59
CA LYS B 13 0.18 34.68 -17.78
C LYS B 13 -1.01 33.87 -18.35
N ASN B 14 -0.89 32.54 -18.33
CA ASN B 14 -1.89 31.63 -18.84
C ASN B 14 -1.69 30.25 -18.18
N TYR B 15 -2.70 29.37 -18.25
CA TYR B 15 -2.49 27.98 -17.83
C TYR B 15 -1.41 27.35 -18.69
N VAL B 16 -0.71 26.37 -18.15
CA VAL B 16 0.36 25.69 -18.91
C VAL B 16 -0.16 24.48 -19.71
N GLY B 18 1.10 21.41 -20.88
CA GLY B 18 2.28 21.67 -21.71
C GLY B 18 3.52 21.71 -20.85
N TYR B 19 4.68 21.80 -21.51
CA TYR B 19 5.97 21.92 -20.80
C TYR B 19 6.16 23.34 -20.23
N PRO B 20 6.10 23.47 -18.87
CA PRO B 20 6.15 24.81 -18.27
C PRO B 20 7.33 25.63 -18.78
N LYS B 21 7.06 26.86 -19.15
CA LYS B 21 8.08 27.74 -19.72
C LYS B 21 8.05 29.09 -18.99
N GLU B 22 9.15 29.85 -19.10
CA GLU B 22 9.23 31.18 -18.49
C GLU B 22 8.17 32.09 -19.07
N SER B 23 7.83 31.85 -20.34
CA SER B 23 6.91 32.71 -21.07
C SER B 23 5.46 32.63 -20.58
N ASP B 24 5.12 31.60 -19.82
CA ASP B 24 3.83 31.49 -19.14
C ASP B 24 3.71 32.32 -17.85
N MET B 25 4.82 32.97 -17.46
CA MET B 25 4.81 33.95 -16.37
C MET B 25 5.27 35.29 -16.90
N GLU B 26 5.11 36.31 -16.07
CA GLU B 26 5.28 37.68 -16.43
C GLU B 26 5.51 38.53 -15.15
N ILE B 27 6.50 39.44 -15.20
CA ILE B 27 6.74 40.41 -14.14
C ILE B 27 5.79 41.59 -14.28
N LYS B 28 5.15 41.95 -13.20
CA LYS B 28 4.25 43.08 -13.21
C LYS B 28 4.64 44.03 -12.06
N ASN B 29 4.58 45.34 -12.32
CA ASN B 29 4.92 46.35 -11.30
C ASN B 29 3.70 47.18 -10.88
N VAL B 30 3.24 46.99 -9.65
CA VAL B 30 2.10 47.74 -9.12
C VAL B 30 2.51 48.53 -7.86
N THR B 31 1.57 49.30 -7.32
CA THR B 31 1.76 50.03 -6.06
C THR B 31 0.93 49.32 -4.98
N ILE B 32 1.45 49.26 -3.78
CA ILE B 32 0.68 48.65 -2.70
C ILE B 32 0.72 49.58 -1.49
N LYS B 33 -0.43 49.75 -0.86
CA LYS B 33 -0.52 50.45 0.41
C LYS B 33 -0.41 49.41 1.52
N LEU B 34 0.62 49.56 2.37
CA LEU B 34 0.92 48.51 3.37
C LEU B 34 0.05 48.71 4.60
N LYS B 35 -1.21 48.28 4.49
CA LYS B 35 -2.24 48.49 5.51
C LYS B 35 -3.13 47.23 5.67
N VAL B 36 -3.38 46.86 6.92
CA VAL B 36 -4.32 45.79 7.25
C VAL B 36 -5.71 46.21 6.84
N PRO B 37 -6.42 45.37 6.10
CA PRO B 37 -7.72 45.85 5.62
C PRO B 37 -8.76 46.01 6.71
N GLY B 39 -11.36 46.27 7.98
CA GLY B 39 -11.22 45.72 9.34
C GLY B 39 -11.25 44.18 9.42
N SER B 40 -10.07 43.57 9.32
CA SER B 40 -9.87 42.14 9.08
C SER B 40 -8.85 41.57 10.04
N ASN B 41 -8.52 40.30 9.87
CA ASN B 41 -7.44 39.67 10.62
C ASN B 41 -6.13 39.42 9.79
N ASP B 42 -6.01 40.12 8.65
CA ASP B 42 -4.86 39.96 7.73
C ASP B 42 -3.46 40.30 8.29
N VAL B 43 -2.42 39.65 7.78
CA VAL B 43 -1.02 39.98 8.09
C VAL B 43 -0.37 40.59 6.81
N VAL B 44 0.26 41.76 6.95
CA VAL B 44 0.97 42.40 5.81
C VAL B 44 2.43 42.09 5.98
N VAL B 45 3.01 41.45 4.96
CA VAL B 45 4.39 40.98 5.05
C VAL B 45 5.23 41.53 3.89
N LYS B 46 6.53 41.56 4.14
CA LYS B 46 7.53 41.72 3.09
C LYS B 46 8.17 40.36 2.92
N ASN B 47 8.04 39.82 1.72
CA ASN B 47 8.62 38.53 1.39
C ASN B 47 10.12 38.57 1.24
N LEU B 48 10.76 37.56 1.77
CA LEU B 48 12.22 37.54 1.81
C LEU B 48 12.75 36.44 0.92
N TYR B 49 12.15 35.25 1.05
CA TYR B 49 12.49 34.06 0.24
C TYR B 49 11.26 33.30 -0.24
N LEU B 50 11.35 32.75 -1.44
CA LEU B 50 10.29 31.95 -2.03
C LEU B 50 10.80 30.56 -2.37
N SER B 51 10.02 29.56 -1.96
CA SER B 51 10.31 28.16 -2.30
C SER B 51 9.81 27.82 -3.72
N CYS B 52 10.61 27.07 -4.48
CA CYS B 52 10.11 26.51 -5.71
C CYS B 52 9.83 25.03 -5.39
N ASP B 53 8.57 24.64 -5.40
CA ASP B 53 8.23 23.26 -4.98
C ASP B 53 7.56 22.51 -6.13
N PRO B 54 7.89 21.20 -6.32
CA PRO B 54 7.28 20.39 -7.42
C PRO B 54 5.73 20.41 -7.50
N TYR B 55 5.03 20.38 -6.37
CA TYR B 55 3.56 20.35 -6.40
C TYR B 55 3.03 21.56 -7.19
N MET B 56 3.83 22.65 -7.23
CA MET B 56 3.40 23.88 -7.91
C MET B 56 2.99 23.70 -9.37
N ARG B 57 3.61 22.73 -10.06
CA ARG B 57 3.26 22.44 -11.47
C ARG B 57 1.76 22.16 -11.73
N SER B 58 1.15 21.33 -10.88
CA SER B 58 -0.26 20.92 -11.08
C SER B 58 -1.16 22.13 -10.91
N ARG B 59 -0.68 23.12 -10.15
CA ARG B 59 -1.46 24.29 -9.86
C ARG B 59 -1.44 25.26 -11.06
N MET B 60 -0.55 24.99 -12.02
CA MET B 60 -0.46 25.83 -13.23
C MET B 60 -1.45 25.42 -14.36
N ARG B 61 -2.42 24.56 -14.03
CA ARG B 61 -3.42 24.06 -14.99
C ARG B 61 -4.81 24.08 -14.34
N LYS B 62 -5.85 23.96 -15.16
CA LYS B 62 -7.27 23.90 -14.70
C LYS B 62 -8.05 23.26 -15.80
N GLU B 69 -8.23 25.71 -6.21
CA GLU B 69 -6.92 25.16 -5.83
C GLU B 69 -5.82 25.42 -6.89
N SER B 70 -6.21 25.74 -8.12
CA SER B 70 -5.19 26.10 -9.12
C SER B 70 -4.87 27.60 -9.13
N PHE B 71 -3.73 27.97 -9.72
CA PHE B 71 -3.39 29.38 -9.90
C PHE B 71 -4.41 30.09 -10.82
N ALA B 72 -4.63 31.38 -10.61
CA ALA B 72 -5.43 32.18 -11.53
C ALA B 72 -4.59 33.04 -12.51
N PRO B 73 -4.76 32.83 -13.83
CA PRO B 73 -4.12 33.71 -14.82
C PRO B 73 -4.50 35.15 -14.58
N GLY B 74 -3.50 36.02 -14.57
CA GLY B 74 -3.74 37.40 -14.23
C GLY B 74 -3.31 37.74 -12.81
N SER B 75 -3.30 36.72 -11.94
CA SER B 75 -2.90 36.85 -10.53
C SER B 75 -1.50 36.33 -10.22
N PRO B 76 -0.88 36.88 -9.15
CA PRO B 76 0.42 36.38 -8.71
C PRO B 76 0.41 34.88 -8.44
N ILE B 77 1.53 34.22 -8.74
CA ILE B 77 1.81 32.91 -8.20
C ILE B 77 1.89 33.00 -6.64
N THR B 78 1.50 31.90 -5.96
CA THR B 78 1.55 31.76 -4.52
C THR B 78 2.30 30.43 -4.17
N GLY B 79 2.85 30.35 -2.96
CA GLY B 79 3.60 29.16 -2.50
C GLY B 79 4.28 29.45 -1.17
N TYR B 80 5.05 28.49 -0.65
CA TYR B 80 5.72 28.66 0.64
C TYR B 80 6.84 29.68 0.52
N GLY B 81 6.96 30.54 1.52
CA GLY B 81 8.07 31.50 1.53
C GLY B 81 8.39 31.89 2.95
N VAL B 82 9.31 32.85 3.07
CA VAL B 82 9.76 33.39 4.34
C VAL B 82 9.63 34.91 4.25
N ALA B 83 9.05 35.53 5.29
CA ALA B 83 8.62 36.94 5.18
C ALA B 83 8.73 37.67 6.51
N LYS B 84 8.79 38.99 6.46
CA LYS B 84 8.75 39.83 7.65
C LYS B 84 7.39 40.54 7.76
N VAL B 85 6.75 40.39 8.92
CA VAL B 85 5.53 41.10 9.25
C VAL B 85 5.80 42.61 9.36
N LEU B 86 4.87 43.38 8.79
CA LEU B 86 4.91 44.82 8.79
C LEU B 86 3.74 45.37 9.60
N GLU B 87 2.54 44.84 9.34
CA GLU B 87 1.33 45.20 10.10
C GLU B 87 0.48 43.96 10.26
N SER B 88 -0.32 43.91 11.31
CA SER B 88 -1.14 42.73 11.59
C SER B 88 -2.46 43.02 12.32
N GLY B 89 -3.57 42.51 11.79
CA GLY B 89 -4.84 42.45 12.50
C GLY B 89 -5.02 41.16 13.26
N ASP B 90 -4.07 40.24 13.09
CA ASP B 90 -4.06 38.93 13.75
C ASP B 90 -3.31 39.06 15.06
N PRO B 91 -3.92 38.63 16.19
CA PRO B 91 -3.29 38.71 17.52
C PRO B 91 -1.94 37.98 17.61
N LYS B 92 -1.82 36.88 16.89
CA LYS B 92 -0.64 36.01 16.98
C LYS B 92 0.66 36.54 16.32
N PHE B 93 0.54 37.62 15.53
CA PHE B 93 1.69 38.21 14.83
C PHE B 93 1.75 39.73 15.00
N GLN B 94 2.95 40.24 15.22
CA GLN B 94 3.15 41.67 15.25
C GLN B 94 4.29 42.13 14.35
N LYS B 95 4.33 43.42 14.10
CA LYS B 95 5.44 44.09 13.44
C LYS B 95 6.79 43.59 13.92
N GLY B 96 7.64 43.22 12.97
CA GLY B 96 8.95 42.66 13.23
C GLY B 96 9.04 41.14 13.29
N ASP B 97 7.93 40.45 13.50
CA ASP B 97 7.96 38.96 13.44
C ASP B 97 8.46 38.40 12.08
N LEU B 98 9.31 37.38 12.13
CA LEU B 98 9.67 36.63 10.92
C LEU B 98 8.80 35.38 10.91
N VAL B 99 8.25 35.08 9.73
CA VAL B 99 7.25 34.01 9.58
C VAL B 99 7.55 33.12 8.34
N TRP B 100 7.05 31.88 8.33
CA TRP B 100 7.04 31.10 7.07
C TRP B 100 5.66 30.53 6.81
N GLY B 101 5.31 30.44 5.52
CA GLY B 101 4.01 29.87 5.16
C GLY B 101 3.66 30.24 3.75
N MET B 102 2.38 30.07 3.40
CA MET B 102 1.86 30.49 2.12
C MET B 102 1.90 32.03 1.97
N THR B 103 2.51 32.47 0.87
CA THR B 103 2.56 33.89 0.61
C THR B 103 2.50 34.12 -0.92
N GLY B 104 2.54 35.37 -1.35
CA GLY B 104 2.55 35.68 -2.77
C GLY B 104 3.95 35.79 -3.37
N TRP B 105 4.01 35.54 -4.66
CA TRP B 105 5.21 35.79 -5.46
C TRP B 105 5.30 37.27 -5.82
N GLU B 106 5.80 38.07 -4.86
CA GLU B 106 5.78 39.52 -4.99
C GLU B 106 6.58 40.04 -3.84
N GLU B 107 6.90 41.34 -3.86
CA GLU B 107 7.67 41.90 -2.76
C GLU B 107 6.88 42.01 -1.47
N TYR B 108 5.60 42.34 -1.58
CA TYR B 108 4.80 42.40 -0.37
C TYR B 108 3.49 41.68 -0.57
N SER B 109 2.99 41.02 0.50
CA SER B 109 1.73 40.25 0.45
C SER B 109 0.80 40.59 1.61
N ILE B 110 -0.52 40.51 1.37
CA ILE B 110 -1.49 40.62 2.42
C ILE B 110 -2.05 39.21 2.63
N ILE B 111 -1.81 38.63 3.80
CA ILE B 111 -2.10 37.24 4.04
C ILE B 111 -3.29 37.08 5.00
N THR B 112 -4.20 36.23 4.60
CA THR B 112 -5.42 36.02 5.35
C THR B 112 -5.23 34.95 6.44
N PRO B 113 -6.10 34.94 7.46
CA PRO B 113 -5.90 33.93 8.51
C PRO B 113 -6.06 32.47 8.04
N LEU B 117 0.84 29.45 8.51
CA LEU B 117 1.73 30.54 8.92
C LEU B 117 2.37 30.31 10.30
N PHE B 118 3.71 30.13 10.30
CA PHE B 118 4.50 29.78 11.49
C PHE B 118 5.48 30.89 11.90
N LYS B 119 5.47 31.23 13.18
CA LYS B 119 6.44 32.21 13.70
C LYS B 119 7.84 31.58 13.80
N ILE B 120 8.83 32.22 13.17
CA ILE B 120 10.23 31.85 13.27
C ILE B 120 10.79 32.39 14.60
N HIS B 121 11.44 31.51 15.36
CA HIS B 121 11.95 31.83 16.70
C HIS B 121 13.45 31.81 16.81
N ASP B 122 14.09 30.99 15.97
CA ASP B 122 15.55 30.91 15.91
C ASP B 122 16.02 31.64 14.64
N LYS B 123 16.66 32.79 14.84
CA LYS B 123 17.23 33.59 13.74
C LYS B 123 18.74 33.34 13.53
N ASP B 124 19.26 32.31 14.23
CA ASP B 124 20.68 31.93 14.22
C ASP B 124 21.08 30.95 13.11
N VAL B 125 20.16 30.69 12.19
CA VAL B 125 20.37 29.77 11.10
C VAL B 125 19.99 30.56 9.87
N PRO B 126 20.59 30.26 8.69
CA PRO B 126 20.20 31.07 7.52
C PRO B 126 18.69 30.99 7.29
N LEU B 127 18.07 32.12 6.92
CA LEU B 127 16.64 32.19 6.95
C LEU B 127 16.04 31.47 5.77
N SER B 128 16.84 31.33 4.70
CA SER B 128 16.43 30.52 3.55
C SER B 128 16.03 29.08 4.00
N TYR B 129 16.65 28.58 5.08
CA TYR B 129 16.32 27.21 5.58
C TYR B 129 14.84 26.98 5.87
N TYR B 130 14.07 28.04 6.17
CA TYR B 130 12.65 27.87 6.48
C TYR B 130 11.77 27.65 5.23
N THR B 131 12.40 27.57 4.04
CA THR B 131 11.77 27.03 2.84
C THR B 131 12.09 25.53 2.57
N GLY B 132 13.00 24.95 3.35
CA GLY B 132 13.55 23.65 3.07
C GLY B 132 13.64 22.85 4.36
N ILE B 133 14.86 22.68 4.85
CA ILE B 133 15.14 21.83 6.02
C ILE B 133 14.34 22.21 7.23
N LEU B 134 14.02 23.51 7.36
CA LEU B 134 13.29 23.97 8.54
C LEU B 134 11.86 24.35 8.19
N GLY B 135 11.47 24.03 6.97
CA GLY B 135 10.15 24.33 6.52
C GLY B 135 9.40 23.09 6.06
N MET B 136 8.55 23.27 5.05
CA MET B 136 7.72 22.17 4.53
C MET B 136 8.55 20.91 4.10
N PRO B 137 9.60 21.07 3.30
CA PRO B 137 10.30 19.82 2.94
C PRO B 137 10.93 19.08 4.10
N GLY B 138 11.46 19.81 5.08
CA GLY B 138 12.00 19.17 6.25
C GLY B 138 10.99 18.43 7.07
N MET B 139 9.83 19.06 7.31
CA MET B 139 8.75 18.41 8.04
C MET B 139 8.26 17.19 7.27
N THR B 140 8.32 17.27 5.92
CA THR B 140 7.96 16.14 5.04
C THR B 140 8.85 14.90 5.23
N ALA B 141 10.16 15.13 5.27
CA ALA B 141 11.13 14.07 5.53
C ALA B 141 10.97 13.48 6.96
N TYR B 142 10.69 14.34 7.94
CA TYR B 142 10.52 13.90 9.31
C TYR B 142 9.27 13.02 9.44
N ALA B 143 8.12 13.50 8.99
CA ALA B 143 6.85 12.75 9.07
C ALA B 143 6.93 11.45 8.31
N GLY B 144 7.35 11.52 7.05
CA GLY B 144 7.51 10.31 6.20
C GLY B 144 8.41 9.25 6.81
N PHE B 145 9.62 9.65 7.21
CA PHE B 145 10.62 8.63 7.64
C PHE B 145 10.44 8.25 9.08
N HIS B 146 10.44 9.23 9.98
CA HIS B 146 10.33 8.93 11.41
C HIS B 146 8.95 8.39 11.81
N GLU B 147 7.85 8.89 11.23
CA GLU B 147 6.49 8.39 11.60
C GLU B 147 6.03 7.29 10.68
N VAL B 148 5.89 7.55 9.38
CA VAL B 148 5.27 6.56 8.50
C VAL B 148 6.11 5.26 8.34
N CYS B 149 7.45 5.38 8.30
CA CYS B 149 8.30 4.18 8.03
C CYS B 149 8.58 3.26 9.24
N SER B 150 8.17 3.69 10.44
CA SER B 150 8.50 3.01 11.69
C SER B 150 9.93 2.42 11.71
N PRO B 151 10.98 3.24 11.45
CA PRO B 151 12.34 2.71 11.22
C PRO B 151 13.04 2.12 12.46
N LYS B 152 13.89 1.09 12.26
CA LYS B 152 14.71 0.55 13.34
C LYS B 152 16.21 0.58 12.96
N LYS B 153 17.06 0.72 13.98
CA LYS B 153 18.49 0.75 13.79
C LYS B 153 18.90 -0.49 13.02
N GLY B 154 19.77 -0.33 12.02
CA GLY B 154 20.30 -1.46 11.29
C GLY B 154 19.47 -1.93 10.10
N GLU B 155 18.27 -1.37 9.95
CA GLU B 155 17.45 -1.65 8.78
C GLU B 155 18.03 -1.05 7.49
N THR B 156 17.65 -1.63 6.33
CA THR B 156 18.19 -1.10 5.08
C THR B 156 17.15 -0.15 4.47
N VAL B 157 17.61 0.95 3.90
CA VAL B 157 16.72 2.02 3.42
C VAL B 157 17.14 2.48 2.04
N PHE B 158 16.18 2.52 1.11
CA PHE B 158 16.40 3.10 -0.19
C PHE B 158 15.59 4.40 -0.32
N VAL B 159 16.21 5.44 -0.87
CA VAL B 159 15.52 6.71 -1.10
C VAL B 159 15.57 7.10 -2.57
N SER B 160 14.41 7.30 -3.19
CA SER B 160 14.27 7.77 -4.56
C SER B 160 14.48 9.27 -4.57
N ALA B 161 14.84 9.89 -5.72
CA ALA B 161 15.10 11.37 -5.80
C ALA B 161 15.90 11.85 -4.58
N ALA B 162 17.00 11.15 -4.30
CA ALA B 162 17.64 11.29 -3.01
C ALA B 162 18.32 12.65 -2.75
N SER B 163 18.66 13.37 -3.80
CA SER B 163 19.36 14.65 -3.63
C SER B 163 18.37 15.85 -3.62
N GLY B 164 17.08 15.58 -3.75
CA GLY B 164 16.11 16.65 -3.60
C GLY B 164 15.95 17.24 -2.20
N ALA B 165 15.09 18.23 -2.09
CA ALA B 165 14.81 18.91 -0.85
C ALA B 165 14.45 17.93 0.27
N VAL B 166 13.61 16.93 -0.06
CA VAL B 166 13.09 15.96 0.92
C VAL B 166 14.03 14.79 1.12
N GLY B 167 14.50 14.22 0.01
CA GLY B 167 15.28 12.95 0.09
C GLY B 167 16.68 13.08 0.70
N GLN B 168 17.35 14.20 0.51
CA GLN B 168 18.63 14.44 1.13
C GLN B 168 18.51 14.47 2.64
N LEU B 169 17.35 14.86 3.18
CA LEU B 169 17.17 14.77 4.64
C LEU B 169 16.85 13.34 5.12
N VAL B 170 16.06 12.61 4.34
CA VAL B 170 15.60 11.26 4.72
C VAL B 170 16.81 10.41 4.90
N GLY B 171 17.76 10.49 3.96
CA GLY B 171 18.98 9.70 4.09
C GLY B 171 19.85 10.03 5.29
N GLN B 172 19.91 11.31 5.67
CA GLN B 172 20.71 11.66 6.86
C GLN B 172 19.98 11.23 8.13
N PHE B 173 18.65 11.39 8.14
CA PHE B 173 17.84 10.89 9.27
C PHE B 173 18.07 9.37 9.48
N ALA B 174 18.19 8.63 8.37
CA ALA B 174 18.35 7.15 8.42
C ALA B 174 19.76 6.82 8.93
N LYS B 175 20.76 7.54 8.40
CA LYS B 175 22.14 7.43 8.86
C LYS B 175 22.25 7.60 10.36
N MET B 176 21.59 8.64 10.88
CA MET B 176 21.61 8.99 12.30
C MET B 176 21.00 7.94 13.20
N LEU B 177 20.07 7.17 12.61
CA LEU B 177 19.50 6.02 13.29
C LEU B 177 20.40 4.79 13.25
N GLY B 178 21.40 4.77 12.39
CA GLY B 178 22.25 3.59 12.23
C GLY B 178 21.75 2.64 11.16
N CYS B 179 20.99 3.17 10.20
CA CYS B 179 20.52 2.37 9.07
C CYS B 179 21.56 2.38 7.97
N TYR B 180 21.42 1.40 7.07
CA TYR B 180 22.23 1.33 5.88
C TYR B 180 21.40 1.98 4.80
N VAL B 181 21.95 3.01 4.14
CA VAL B 181 21.21 3.88 3.22
C VAL B 181 21.79 4.02 1.82
N VAL B 182 20.92 3.81 0.83
CA VAL B 182 21.27 3.94 -0.59
C VAL B 182 20.33 4.94 -1.24
N GLY B 183 20.89 5.78 -2.10
CA GLY B 183 20.02 6.74 -2.79
C GLY B 183 20.19 6.69 -4.30
N SER B 184 19.17 7.17 -5.00
CA SER B 184 19.23 7.23 -6.45
C SER B 184 19.04 8.67 -6.86
N ALA B 185 19.80 9.08 -7.85
CA ALA B 185 19.64 10.42 -8.42
C ALA B 185 20.02 10.46 -9.88
N GLY B 186 19.84 11.64 -10.50
CA GLY B 186 19.93 11.79 -11.95
C GLY B 186 21.22 12.28 -12.61
N SER B 187 22.32 12.39 -11.85
CA SER B 187 23.60 12.78 -12.40
C SER B 187 24.76 12.33 -11.52
N LYS B 188 25.95 12.29 -12.13
CA LYS B 188 27.19 11.97 -11.43
C LYS B 188 27.42 12.97 -10.28
N GLU B 189 27.23 14.26 -10.58
CA GLU B 189 27.35 15.34 -9.59
C GLU B 189 26.44 15.09 -8.38
N LYS B 190 25.20 14.70 -8.66
CA LYS B 190 24.24 14.41 -7.58
C LYS B 190 24.60 13.15 -6.78
N VAL B 191 25.09 12.14 -7.46
CA VAL B 191 25.51 10.91 -6.81
C VAL B 191 26.71 11.16 -5.86
N ASP B 192 27.74 11.86 -6.39
CA ASP B 192 28.95 12.15 -5.64
C ASP B 192 28.53 12.91 -4.40
N LEU B 193 27.64 13.88 -4.57
CA LEU B 193 27.10 14.63 -3.42
C LEU B 193 26.41 13.72 -2.38
N LEU B 194 25.52 12.82 -2.84
CA LEU B 194 24.89 11.83 -1.95
C LEU B 194 25.93 11.12 -1.06
N LYS B 195 27.00 10.62 -1.68
CA LYS B 195 28.07 9.91 -0.95
C LYS B 195 28.96 10.81 -0.10
N SER B 196 29.41 11.94 -0.65
CA SER B 196 30.54 12.68 -0.03
C SER B 196 30.12 13.78 0.92
N LYS B 197 28.86 14.18 0.88
CA LYS B 197 28.34 15.33 1.62
C LYS B 197 27.15 14.90 2.52
N PHE B 198 26.25 14.08 1.98
CA PHE B 198 25.10 13.60 2.74
C PHE B 198 25.33 12.29 3.51
N GLY B 199 26.53 11.70 3.39
CA GLY B 199 26.85 10.40 4.02
C GLY B 199 25.93 9.20 3.74
N PHE B 200 25.38 9.11 2.52
CA PHE B 200 24.68 7.90 2.08
C PHE B 200 25.76 6.83 1.98
N ASP B 201 25.46 5.62 2.45
CA ASP B 201 26.38 4.49 2.22
C ASP B 201 26.67 4.30 0.73
N GLU B 202 25.62 4.19 -0.10
CA GLU B 202 25.81 4.04 -1.54
C GLU B 202 24.83 4.92 -2.30
N ALA B 203 25.08 5.04 -3.60
CA ALA B 203 24.21 5.81 -4.44
C ALA B 203 24.45 5.38 -5.88
N PHE B 204 23.43 5.51 -6.73
CA PHE B 204 23.62 5.29 -8.16
C PHE B 204 22.80 6.26 -9.01
N ASN B 205 23.20 6.41 -10.27
CA ASN B 205 22.53 7.20 -11.32
C ASN B 205 21.49 6.32 -11.98
N TYR B 206 20.21 6.60 -11.76
CA TYR B 206 19.15 5.70 -12.29
C TYR B 206 19.17 5.68 -13.84
N LYS B 207 19.61 6.79 -14.46
CA LYS B 207 19.59 6.95 -15.94
C LYS B 207 20.55 5.97 -16.59
N GLU B 208 21.63 5.66 -15.87
CA GLU B 208 22.64 4.72 -16.33
C GLU B 208 22.21 3.23 -16.26
N GLU B 209 21.42 2.84 -15.27
CA GLU B 209 21.05 1.42 -15.11
C GLU B 209 20.08 0.89 -16.17
N GLN B 210 20.38 -0.23 -16.83
CA GLN B 210 19.42 -0.76 -17.81
C GLN B 210 18.33 -1.61 -17.16
N ASP B 211 18.62 -2.08 -15.94
CA ASP B 211 17.74 -2.93 -15.17
C ASP B 211 17.76 -2.43 -13.72
N LEU B 212 16.75 -1.66 -13.33
CA LEU B 212 16.66 -1.12 -11.99
C LEU B 212 16.58 -2.23 -10.94
N SER B 213 15.89 -3.33 -11.24
CA SER B 213 15.76 -4.44 -10.30
C SER B 213 17.10 -5.08 -9.98
N ALA B 214 17.89 -5.39 -11.02
CA ALA B 214 19.22 -5.95 -10.83
C ALA B 214 20.12 -4.99 -10.08
N ALA B 215 19.96 -3.69 -10.32
CA ALA B 215 20.83 -2.72 -9.67
C ALA B 215 20.54 -2.62 -8.15
N LEU B 216 19.26 -2.64 -7.78
CA LEU B 216 18.87 -2.64 -6.36
C LEU B 216 19.31 -3.94 -5.68
N LYS B 217 19.28 -5.03 -6.44
CA LYS B 217 19.81 -6.33 -6.01
C LYS B 217 21.27 -6.21 -5.54
N ARG B 218 22.09 -5.63 -6.41
CA ARG B 218 23.53 -5.37 -6.17
C ARG B 218 23.81 -4.52 -4.94
N TYR B 219 23.02 -3.47 -4.71
CA TYR B 219 23.16 -2.62 -3.50
C TYR B 219 22.50 -3.20 -2.24
N PHE B 220 21.47 -4.02 -2.41
CA PHE B 220 20.77 -4.63 -1.28
C PHE B 220 20.74 -6.17 -1.38
N PRO B 221 21.91 -6.84 -1.24
CA PRO B 221 21.89 -8.31 -1.40
C PRO B 221 20.84 -9.02 -0.51
N ASP B 222 20.50 -8.46 0.65
CA ASP B 222 19.50 -9.07 1.52
C ASP B 222 18.12 -8.40 1.47
N GLY B 223 17.95 -7.45 0.55
CA GLY B 223 16.67 -6.79 0.41
C GLY B 223 16.58 -5.44 1.10
N ILE B 224 15.44 -4.77 0.91
CA ILE B 224 15.23 -3.40 1.39
C ILE B 224 14.16 -3.45 2.48
N ASP B 225 14.47 -2.95 3.69
CA ASP B 225 13.40 -2.82 4.72
C ASP B 225 12.39 -1.64 4.47
N ILE B 226 12.93 -0.53 3.96
CA ILE B 226 12.19 0.73 3.88
C ILE B 226 12.49 1.41 2.54
N TYR B 227 11.43 1.76 1.81
CA TYR B 227 11.57 2.59 0.62
C TYR B 227 10.88 3.90 0.89
N PHE B 228 11.60 5.00 0.71
CA PHE B 228 11.00 6.32 0.79
C PHE B 228 10.76 6.66 -0.68
N GLU B 229 9.48 6.66 -1.05
CA GLU B 229 9.01 6.75 -2.43
C GLU B 229 8.80 8.21 -2.86
N ASN B 230 9.64 8.66 -3.77
CA ASN B 230 9.52 10.01 -4.32
C ASN B 230 9.18 9.94 -5.81
N VAL B 231 9.15 8.72 -6.36
CA VAL B 231 9.21 8.58 -7.82
C VAL B 231 8.05 7.82 -8.52
N GLY B 232 7.79 6.59 -8.11
CA GLY B 232 6.72 5.75 -8.66
C GLY B 232 7.16 4.95 -9.89
N GLY B 233 6.22 4.23 -10.49
CA GLY B 233 6.40 3.66 -11.81
C GLY B 233 7.37 2.49 -11.81
N LYS B 234 8.26 2.47 -12.80
CA LYS B 234 9.25 1.41 -12.91
C LYS B 234 10.13 1.35 -11.67
N MET B 235 10.58 2.48 -11.11
CA MET B 235 11.38 2.44 -9.86
C MET B 235 10.63 1.68 -8.74
N LEU B 236 9.34 1.97 -8.60
CA LEU B 236 8.53 1.26 -7.61
C LEU B 236 8.47 -0.23 -7.90
N ASP B 237 8.26 -0.62 -9.16
CA ASP B 237 8.31 -2.05 -9.47
C ASP B 237 9.68 -2.75 -9.15
N ALA B 238 10.77 -2.05 -9.41
CA ALA B 238 12.07 -2.58 -9.06
C ALA B 238 12.25 -2.71 -7.55
N VAL B 239 11.73 -1.76 -6.77
CA VAL B 239 11.79 -1.85 -5.29
C VAL B 239 10.99 -3.05 -4.73
N LEU B 240 9.75 -3.21 -5.25
CA LEU B 240 8.81 -4.21 -4.74
C LEU B 240 9.40 -5.61 -4.71
N VAL B 241 10.04 -6.03 -5.81
CA VAL B 241 10.69 -7.34 -5.89
C VAL B 241 11.96 -7.48 -5.04
N ASN B 242 12.49 -6.36 -4.56
CA ASN B 242 13.65 -6.36 -3.67
C ASN B 242 13.31 -6.04 -2.19
N MET B 243 12.03 -5.99 -1.82
CA MET B 243 11.70 -5.67 -0.43
C MET B 243 11.86 -6.91 0.47
N LYS B 244 12.28 -6.68 1.72
CA LYS B 244 12.28 -7.66 2.78
C LYS B 244 10.85 -7.94 3.30
N LEU B 245 10.63 -9.11 3.89
CA LEU B 245 9.39 -9.32 4.69
C LEU B 245 9.11 -8.15 5.63
N TYR B 246 7.82 -7.75 5.71
CA TYR B 246 7.34 -6.64 6.58
C TYR B 246 7.95 -5.26 6.21
N GLY B 247 8.51 -5.15 4.99
CA GLY B 247 9.00 -3.85 4.43
C GLY B 247 7.93 -2.76 4.49
N ARG B 248 8.35 -1.49 4.57
CA ARG B 248 7.42 -0.39 4.62
C ARG B 248 7.75 0.56 3.49
N ILE B 249 6.72 1.06 2.83
CA ILE B 249 6.93 2.07 1.79
C ILE B 249 6.17 3.34 2.18
N ALA B 250 6.90 4.44 2.35
CA ALA B 250 6.22 5.70 2.64
C ALA B 250 6.05 6.40 1.29
N VAL B 251 4.80 6.51 0.81
CA VAL B 251 4.49 7.14 -0.47
C VAL B 251 4.42 8.64 -0.28
N CYS B 252 5.53 9.31 -0.60
CA CYS B 252 5.65 10.78 -0.43
C CYS B 252 5.28 11.52 -1.72
N GLY B 253 5.91 11.09 -2.80
CA GLY B 253 5.65 11.64 -4.11
C GLY B 253 5.82 10.61 -5.21
N MET B 254 5.36 10.98 -6.38
CA MET B 254 5.50 10.17 -7.57
C MET B 254 5.86 11.10 -8.72
N ILE B 255 6.92 11.88 -8.53
CA ILE B 255 7.39 12.92 -9.45
C ILE B 255 7.53 12.48 -10.89
N SER B 256 7.89 11.22 -11.12
CA SER B 256 7.95 10.69 -12.48
C SER B 256 6.57 10.77 -13.17
N GLN B 257 5.48 10.97 -12.43
CA GLN B 257 4.18 11.15 -13.09
C GLN B 257 3.72 12.62 -13.12
N GLU B 264 2.21 5.38 -15.90
CA GLU B 264 2.93 4.11 -16.15
C GLU B 264 2.54 3.01 -15.15
N GLY B 265 1.92 1.94 -15.64
CA GLY B 265 1.32 0.93 -14.78
C GLY B 265 2.32 0.25 -13.87
N VAL B 266 1.93 -0.02 -12.64
CA VAL B 266 2.75 -0.76 -11.67
C VAL B 266 2.30 -2.24 -11.70
N HIS B 267 3.25 -3.15 -11.92
CA HIS B 267 2.96 -4.55 -12.21
C HIS B 267 3.14 -5.55 -11.06
N ASN B 268 3.96 -5.17 -10.08
CA ASN B 268 4.42 -6.07 -9.03
C ASN B 268 3.71 -5.98 -7.69
N LEU B 269 2.49 -5.45 -7.67
CA LEU B 269 1.82 -5.28 -6.38
C LEU B 269 1.55 -6.61 -5.68
N PHE B 270 1.55 -7.74 -6.41
CA PHE B 270 1.46 -9.05 -5.76
C PHE B 270 2.51 -9.21 -4.64
N CYS B 271 3.65 -8.53 -4.78
CA CYS B 271 4.72 -8.59 -3.77
C CYS B 271 4.22 -8.05 -2.40
N LEU B 272 3.16 -7.21 -2.42
CA LEU B 272 2.64 -6.68 -1.13
C LEU B 272 2.14 -7.85 -0.27
N ILE B 273 1.63 -8.90 -0.91
CA ILE B 273 1.11 -10.04 -0.13
C ILE B 273 2.25 -10.99 0.34
N THR B 274 3.08 -11.42 -0.61
CA THR B 274 4.09 -12.44 -0.36
C THR B 274 5.14 -11.92 0.63
N LYS B 275 5.40 -10.61 0.61
CA LYS B 275 6.30 -10.01 1.54
C LYS B 275 5.61 -9.24 2.66
N ARG B 276 4.28 -9.22 2.67
CA ARG B 276 3.51 -8.51 3.69
C ARG B 276 4.00 -7.09 3.89
N ILE B 277 3.89 -6.29 2.85
CA ILE B 277 4.47 -4.93 2.84
C ILE B 277 3.32 -3.96 3.16
N ARG B 278 3.62 -2.95 3.99
CA ARG B 278 2.74 -1.82 4.29
C ARG B 278 3.21 -0.66 3.41
N MET B 279 2.37 -0.25 2.46
CA MET B 279 2.68 0.86 1.56
C MET B 279 1.68 1.98 1.88
N GLU B 280 2.16 3.14 2.34
CA GLU B 280 1.23 4.09 2.93
C GLU B 280 1.48 5.51 2.47
N GLY B 281 0.47 6.19 1.94
CA GLY B 281 0.70 7.57 1.57
C GLY B 281 0.47 8.51 2.75
N PHE B 282 1.00 9.74 2.68
CA PHE B 282 0.88 10.71 3.78
C PHE B 282 0.96 12.12 3.17
N LEU B 283 0.38 13.11 3.86
CA LEU B 283 0.51 14.54 3.50
C LEU B 283 1.09 15.32 4.67
N VAL B 284 2.13 16.11 4.37
CA VAL B 284 2.85 16.82 5.41
C VAL B 284 1.93 17.70 6.31
N PHE B 285 0.86 18.29 5.73
CA PHE B 285 -0.08 19.14 6.51
C PHE B 285 -0.70 18.42 7.70
N ASP B 286 -0.80 17.09 7.61
CA ASP B 286 -1.40 16.32 8.69
C ASP B 286 -0.47 16.19 9.91
N TYR B 287 0.77 16.61 9.75
CA TYR B 287 1.74 16.36 10.81
C TYR B 287 2.21 17.64 11.46
N TYR B 288 1.53 18.75 11.20
CA TYR B 288 2.10 20.01 11.62
C TYR B 288 2.10 20.21 13.13
N HIS B 289 1.27 19.47 13.85
CA HIS B 289 1.33 19.46 15.32
C HIS B 289 2.63 18.85 15.88
N LEU B 290 3.40 18.15 15.05
CA LEU B 290 4.69 17.60 15.44
C LEU B 290 5.87 18.51 15.04
N TYR B 291 5.61 19.67 14.42
CA TYR B 291 6.68 20.60 14.01
C TYR B 291 7.61 21.09 15.14
N PRO B 292 7.06 21.59 16.28
CA PRO B 292 7.97 22.01 17.37
C PRO B 292 8.94 20.89 17.74
N LYS B 293 8.46 19.64 17.79
CA LYS B 293 9.27 18.48 18.17
C LYS B 293 10.33 18.20 17.11
N TYR B 294 9.97 18.29 15.83
CA TYR B 294 10.95 18.20 14.77
C TYR B 294 12.05 19.28 14.91
N LEU B 295 11.67 20.52 15.15
CA LEU B 295 12.67 21.57 15.37
C LEU B 295 13.59 21.24 16.54
N GLU B 296 13.00 20.71 17.61
CA GLU B 296 13.68 20.37 18.85
C GLU B 296 14.84 19.42 18.54
N MET B 297 14.60 18.48 17.62
CA MET B 297 15.60 17.49 17.20
C MET B 297 16.61 18.13 16.22
N VAL B 298 16.12 18.78 15.17
CA VAL B 298 16.99 19.08 14.04
C VAL B 298 17.84 20.36 14.20
N ILE B 299 17.34 21.34 14.94
CA ILE B 299 18.10 22.59 15.16
C ILE B 299 19.50 22.30 15.75
N PRO B 300 19.59 21.55 16.86
CA PRO B 300 20.95 21.30 17.40
C PRO B 300 21.84 20.38 16.53
N GLN B 301 21.22 19.43 15.77
CA GLN B 301 21.97 18.67 14.76
C GLN B 301 22.61 19.59 13.71
N ILE B 302 21.81 20.50 13.15
CA ILE B 302 22.31 21.52 12.22
C ILE B 302 23.46 22.35 12.83
N LYS B 303 23.22 22.96 13.99
CA LYS B 303 24.25 23.77 14.64
C LYS B 303 25.60 23.04 14.89
N ALA B 304 25.53 21.73 15.07
CA ALA B 304 26.71 20.88 15.27
C ALA B 304 27.30 20.24 13.99
N GLY B 305 26.68 20.51 12.83
CA GLY B 305 27.20 20.05 11.53
C GLY B 305 26.95 18.58 11.23
N LYS B 306 26.12 17.94 12.05
CA LYS B 306 25.82 16.54 11.89
C LYS B 306 24.65 16.29 10.90
N VAL B 307 23.90 17.33 10.60
CA VAL B 307 22.93 17.28 9.54
C VAL B 307 23.20 18.50 8.69
N VAL B 308 23.26 18.29 7.38
CA VAL B 308 23.66 19.35 6.45
C VAL B 308 22.55 19.55 5.37
N TYR B 309 22.60 20.69 4.70
CA TYR B 309 21.61 21.02 3.68
C TYR B 309 22.27 21.78 2.55
N VAL B 310 21.86 21.45 1.34
CA VAL B 310 22.35 22.07 0.11
C VAL B 310 21.16 22.66 -0.61
N GLU B 311 21.28 23.94 -0.91
CA GLU B 311 20.22 24.65 -1.62
C GLU B 311 20.79 25.46 -2.78
N ASP B 312 19.90 25.73 -3.73
CA ASP B 312 20.19 26.55 -4.88
C ASP B 312 19.44 27.89 -4.68
N VAL B 313 20.16 29.01 -4.66
CA VAL B 313 19.48 30.29 -4.38
C VAL B 313 19.53 31.28 -5.56
N ALA B 314 18.40 31.45 -6.27
CA ALA B 314 18.37 32.46 -7.37
C ALA B 314 18.11 33.84 -6.75
N HIS B 315 18.61 34.91 -7.36
CA HIS B 315 18.45 36.22 -6.74
C HIS B 315 17.54 37.18 -7.52
N GLY B 316 16.54 37.72 -6.84
CA GLY B 316 15.61 38.66 -7.43
C GLY B 316 14.41 37.93 -8.01
N LEU B 317 13.26 38.59 -8.00
CA LEU B 317 12.03 38.04 -8.56
C LEU B 317 12.08 37.89 -10.06
N GLU B 318 12.77 38.82 -10.75
CA GLU B 318 13.04 38.76 -12.18
CA GLU B 318 12.97 38.73 -12.19
C GLU B 318 13.63 37.39 -12.55
N SER B 319 14.12 36.65 -11.55
CA SER B 319 14.73 35.33 -11.76
C SER B 319 13.80 34.14 -11.40
N ALA B 320 12.65 34.44 -10.82
CA ALA B 320 11.77 33.39 -10.29
C ALA B 320 11.17 32.52 -11.38
N PRO B 321 10.70 33.10 -12.52
CA PRO B 321 10.22 32.25 -13.61
C PRO B 321 11.29 31.26 -14.08
N THR B 322 12.49 31.74 -14.36
CA THR B 322 13.60 30.80 -14.70
C THR B 322 13.82 29.70 -13.65
N ALA B 323 13.84 30.08 -12.36
CA ALA B 323 14.01 29.13 -11.26
C ALA B 323 12.92 28.07 -11.18
N LEU B 324 11.67 28.49 -11.32
CA LEU B 324 10.55 27.55 -11.29
C LEU B 324 10.58 26.54 -12.46
N VAL B 325 10.77 27.04 -13.67
CA VAL B 325 10.95 26.19 -14.86
C VAL B 325 12.10 25.17 -14.74
N GLY B 326 13.27 25.63 -14.29
CA GLY B 326 14.42 24.76 -14.12
C GLY B 326 14.18 23.69 -13.06
N LEU B 327 13.35 24.01 -12.05
CA LEU B 327 13.07 23.00 -11.03
C LEU B 327 12.32 21.83 -11.63
N PHE B 328 11.39 22.13 -12.54
CA PHE B 328 10.51 21.11 -13.12
C PHE B 328 11.25 20.02 -13.90
N SER B 329 12.48 20.35 -14.33
CA SER B 329 13.39 19.46 -15.08
C SER B 329 14.50 18.81 -14.22
N GLY B 330 14.79 19.39 -13.07
CA GLY B 330 15.92 18.93 -12.25
C GLY B 330 17.24 19.59 -12.60
N ARG B 331 17.18 20.83 -13.09
CA ARG B 331 18.39 21.59 -13.41
C ARG B 331 19.02 22.14 -12.11
N ASN B 332 18.28 22.07 -11.02
CA ASN B 332 18.78 22.52 -9.73
C ASN B 332 19.45 21.41 -8.94
N ILE B 333 20.39 21.82 -8.09
CA ILE B 333 21.00 20.88 -7.18
C ILE B 333 20.48 21.06 -5.71
N GLY B 334 19.67 20.09 -5.29
CA GLY B 334 18.95 20.16 -4.01
C GLY B 334 17.75 21.12 -3.99
N LYS B 335 17.66 21.97 -2.98
CA LYS B 335 16.44 22.72 -2.81
C LYS B 335 16.50 24.11 -3.47
N GLN B 336 15.60 24.35 -4.42
CA GLN B 336 15.53 25.63 -5.15
C GLN B 336 14.74 26.74 -4.41
N VAL B 337 15.38 27.88 -4.24
CA VAL B 337 14.86 28.99 -3.50
C VAL B 337 15.13 30.25 -4.36
N VAL B 338 14.24 31.26 -4.22
CA VAL B 338 14.44 32.58 -4.81
C VAL B 338 14.57 33.58 -3.65
N MET B 339 15.61 34.37 -3.66
CA MET B 339 15.78 35.43 -2.70
C MET B 339 15.09 36.66 -3.26
N VAL B 340 14.06 37.12 -2.57
CA VAL B 340 13.30 38.25 -3.04
C VAL B 340 14.07 39.52 -2.69
N SER B 341 14.43 39.63 -1.42
CA SER B 341 15.12 40.76 -0.86
C SER B 341 15.99 40.24 0.30
N ARG B 342 17.07 40.98 0.57
CA ARG B 342 17.94 40.77 1.73
C ARG B 342 17.28 41.27 3.03
#